data_5U1G
#
_entry.id   5U1G
#
_cell.length_a   87.360
_cell.length_b   87.510
_cell.length_c   133.990
_cell.angle_alpha   90.000
_cell.angle_beta   90.000
_cell.angle_gamma   90.000
#
_symmetry.space_group_name_H-M   'P 21 21 21'
#
loop_
_entity.id
_entity.type
_entity.pdbx_description
1 polymer ParA
2 polymer 'TP228 ParB fragment'
3 non-polymer 'PHOSPHOAMINOPHOSPHONIC ACID-ADENYLATE ESTER'
#
loop_
_entity_poly.entity_id
_entity_poly.type
_entity_poly.pdbx_seq_one_letter_code
_entity_poly.pdbx_strand_id
1 'polypeptide(L)'
;MKVISFLNPKGGSGKTTAVINIATALSRSGYNIAVVDTDPQMSLTNWSKAGKAAFDVFTAASEKDVYGIRKDLADYDFAI
VDGAGSLSVITSAAVMVSDLVIIPVTPSPLDFSAAGSVVTVLEAQAYSRKVEARFLITRKIEMATMLNVLKESIKDTGVK
AFRTAITQRQVYVKSILDGDSVFESSDGAAKGEIEILTKEIVRIFEATHHHHHH
;
D,A,B,C
2 'polypeptide(L)' KAHTSVKKMTFGENRDLER Y,Z,K,R
#
# COMPACT_ATOMS: atom_id res chain seq x y z
N MET A 1 32.11 -2.05 5.55
CA MET A 1 30.82 -2.69 5.91
C MET A 1 30.06 -3.08 4.66
N LYS A 2 29.28 -4.16 4.75
CA LYS A 2 28.50 -4.62 3.60
C LYS A 2 27.07 -4.90 4.02
N VAL A 3 26.13 -4.53 3.14
CA VAL A 3 24.71 -4.73 3.38
C VAL A 3 24.25 -5.98 2.65
N ILE A 4 23.29 -6.68 3.25
CA ILE A 4 22.74 -7.92 2.70
C ILE A 4 21.24 -7.93 2.93
N SER A 5 20.49 -8.36 1.93
CA SER A 5 19.03 -8.35 2.03
C SER A 5 18.38 -9.66 1.66
N PHE A 6 17.30 -10.00 2.37
CA PHE A 6 16.55 -11.23 2.09
C PHE A 6 15.15 -10.82 1.61
N LEU A 7 15.05 -10.52 0.32
CA LEU A 7 13.81 -10.01 -0.24
C LEU A 7 13.08 -10.98 -1.13
N ASN A 8 11.82 -11.18 -0.80
CA ASN A 8 10.92 -12.03 -1.56
C ASN A 8 9.49 -11.77 -1.13
N PRO A 9 8.76 -10.99 -1.92
CA PRO A 9 7.41 -10.50 -1.61
C PRO A 9 6.40 -11.57 -1.15
N LYS A 10 6.75 -12.85 -1.23
CA LYS A 10 5.84 -13.93 -0.87
C LYS A 10 6.01 -14.37 0.59
N GLY A 11 4.94 -14.90 1.17
CA GLY A 11 4.89 -15.12 2.61
C GLY A 11 5.45 -16.31 3.32
N GLY A 12 5.38 -17.48 2.71
CA GLY A 12 5.90 -18.68 3.37
C GLY A 12 7.32 -19.02 2.95
N SER A 13 7.96 -18.05 2.30
CA SER A 13 9.29 -18.20 1.71
C SER A 13 10.48 -18.30 2.65
N GLY A 14 10.19 -18.36 3.95
CA GLY A 14 11.26 -18.54 4.91
C GLY A 14 12.30 -17.46 5.03
N LYS A 15 11.93 -16.23 4.68
CA LYS A 15 12.87 -15.11 4.79
C LYS A 15 13.37 -14.98 6.23
N THR A 16 12.46 -14.64 7.14
CA THR A 16 12.77 -14.49 8.56
C THR A 16 13.61 -15.63 9.12
N THR A 17 13.11 -16.85 8.96
CA THR A 17 13.82 -18.04 9.47
C THR A 17 15.26 -18.12 8.96
N ALA A 18 15.44 -17.85 7.67
CA ALA A 18 16.78 -17.88 7.08
C ALA A 18 17.68 -16.87 7.76
N VAL A 19 17.27 -15.61 7.72
CA VAL A 19 18.02 -14.51 8.31
C VAL A 19 18.58 -14.84 9.70
N ILE A 20 17.73 -15.36 10.57
CA ILE A 20 18.15 -15.69 11.91
C ILE A 20 19.31 -16.68 11.90
N ASN A 21 19.05 -17.88 11.40
CA ASN A 21 20.04 -18.94 11.37
C ASN A 21 21.34 -18.57 10.65
N ILE A 22 21.22 -17.85 9.55
CA ILE A 22 22.40 -17.44 8.78
C ILE A 22 23.20 -16.39 9.54
N ALA A 23 22.49 -15.41 10.11
CA ALA A 23 23.14 -14.33 10.88
C ALA A 23 23.91 -14.92 12.05
N THR A 24 23.25 -15.79 12.82
CA THR A 24 23.89 -16.45 13.95
C THR A 24 25.17 -17.11 13.47
N ALA A 25 25.07 -17.88 12.39
CA ALA A 25 26.23 -18.57 11.84
C ALA A 25 27.39 -17.62 11.57
N LEU A 26 27.08 -16.38 11.21
CA LEU A 26 28.09 -15.38 10.91
C LEU A 26 28.71 -14.76 12.16
N SER A 27 27.88 -14.51 13.17
CA SER A 27 28.34 -13.90 14.41
C SER A 27 29.23 -14.84 15.18
N ARG A 28 28.79 -16.09 15.31
CA ARG A 28 29.56 -17.11 15.99
C ARG A 28 30.83 -17.47 15.21
N SER A 29 31.00 -16.87 14.03
CA SER A 29 32.18 -17.10 13.22
C SER A 29 33.21 -15.96 13.41
N GLY A 30 32.86 -15.00 14.28
CA GLY A 30 33.72 -13.89 14.57
C GLY A 30 33.15 -12.52 14.30
N TYR A 31 32.61 -12.33 13.10
CA TYR A 31 32.11 -11.02 12.69
C TYR A 31 31.11 -10.38 13.65
N ASN A 32 30.87 -9.09 13.44
CA ASN A 32 29.88 -8.32 14.20
C ASN A 32 28.68 -8.10 13.27
N ILE A 33 27.54 -8.75 13.57
CA ILE A 33 26.37 -8.63 12.70
C ILE A 33 25.19 -7.92 13.33
N ALA A 34 24.61 -7.00 12.55
CA ALA A 34 23.44 -6.24 12.97
C ALA A 34 22.30 -6.52 11.99
N VAL A 35 21.13 -6.86 12.51
CA VAL A 35 19.97 -7.20 11.69
C VAL A 35 18.84 -6.21 11.82
N VAL A 36 18.27 -5.83 10.68
CA VAL A 36 17.16 -4.88 10.65
C VAL A 36 15.86 -5.55 10.24
N ASP A 37 14.91 -5.60 11.17
CA ASP A 37 13.59 -6.18 10.92
C ASP A 37 12.68 -5.11 10.30
N THR A 38 12.09 -5.43 9.16
CA THR A 38 11.20 -4.48 8.48
C THR A 38 9.77 -5.00 8.35
N ASP A 39 9.40 -5.95 9.19
CA ASP A 39 8.06 -6.51 9.14
C ASP A 39 7.11 -5.66 10.00
N PRO A 40 5.95 -5.31 9.44
CA PRO A 40 4.94 -4.49 10.14
C PRO A 40 4.37 -5.29 11.32
N GLN A 41 4.61 -6.60 11.32
CA GLN A 41 4.14 -7.51 12.35
C GLN A 41 5.28 -7.83 13.31
N MET A 42 6.46 -7.35 12.97
CA MET A 42 7.65 -7.53 13.82
C MET A 42 7.76 -8.95 14.36
N SER A 43 7.85 -9.93 13.47
CA SER A 43 7.99 -11.32 13.90
C SER A 43 9.38 -11.57 14.44
N LEU A 44 10.40 -11.15 13.70
CA LEU A 44 11.79 -11.36 14.12
C LEU A 44 12.04 -10.64 15.43
N THR A 45 11.47 -9.44 15.58
CA THR A 45 11.65 -8.67 16.82
C THR A 45 10.97 -9.38 17.97
N ASN A 46 9.73 -9.78 17.76
CA ASN A 46 8.95 -10.49 18.77
C ASN A 46 9.75 -11.74 19.21
N TRP A 47 10.59 -12.24 18.30
CA TRP A 47 11.43 -13.38 18.57
C TRP A 47 12.63 -12.95 19.43
N SER A 48 13.28 -11.87 19.04
CA SER A 48 14.48 -11.40 19.72
C SER A 48 14.29 -10.99 21.17
N LYS A 49 13.05 -10.77 21.58
CA LYS A 49 12.80 -10.25 22.94
C LYS A 49 12.84 -11.29 24.04
N ALA A 50 13.37 -12.46 23.72
CA ALA A 50 13.25 -13.62 24.62
C ALA A 50 14.52 -14.35 24.94
N GLY A 51 15.08 -15.05 23.95
CA GLY A 51 16.37 -15.69 24.17
C GLY A 51 17.37 -14.68 23.63
N LYS A 52 18.57 -14.61 24.19
CA LYS A 52 19.51 -13.66 23.62
C LYS A 52 20.02 -14.17 22.27
N ALA A 53 19.90 -13.31 21.27
CA ALA A 53 20.39 -13.63 19.94
C ALA A 53 21.90 -13.37 19.93
N ALA A 54 22.60 -13.88 18.93
CA ALA A 54 24.05 -13.72 18.86
C ALA A 54 24.43 -12.46 18.10
N PHE A 55 23.46 -11.92 17.37
CA PHE A 55 23.67 -10.70 16.58
C PHE A 55 22.83 -9.59 17.17
N ASP A 56 23.03 -8.36 16.69
CA ASP A 56 22.27 -7.23 17.19
C ASP A 56 20.97 -7.10 16.41
N VAL A 57 19.88 -6.87 17.13
CA VAL A 57 18.57 -6.72 16.48
C VAL A 57 18.13 -5.26 16.54
N PHE A 58 17.53 -4.81 15.45
CA PHE A 58 16.99 -3.46 15.34
C PHE A 58 15.55 -3.57 14.85
N THR A 59 14.91 -2.42 14.64
CA THR A 59 13.55 -2.42 14.14
C THR A 59 13.26 -1.14 13.34
N ALA A 60 12.78 -1.31 12.11
CA ALA A 60 12.47 -0.20 11.23
C ALA A 60 10.99 0.17 11.30
N ALA A 61 10.73 1.47 11.25
CA ALA A 61 9.36 1.99 11.33
C ALA A 61 8.87 2.38 9.95
N SER A 62 9.80 2.51 9.02
CA SER A 62 9.48 2.87 7.64
C SER A 62 10.72 2.75 6.77
N GLU A 63 10.58 2.98 5.47
CA GLU A 63 11.71 2.92 4.57
C GLU A 63 12.75 3.97 4.96
N LYS A 64 12.35 4.98 5.72
CA LYS A 64 13.26 6.00 6.19
C LYS A 64 14.40 5.35 7.00
N ASP A 65 14.07 4.27 7.70
CA ASP A 65 15.04 3.55 8.51
C ASP A 65 15.96 2.66 7.69
N VAL A 66 15.50 2.25 6.52
CA VAL A 66 16.32 1.40 5.66
C VAL A 66 17.32 2.22 4.84
N TYR A 67 16.87 3.34 4.28
CA TYR A 67 17.72 4.19 3.46
C TYR A 67 18.95 4.71 4.20
N GLY A 68 18.86 4.77 5.52
CA GLY A 68 19.95 5.29 6.32
C GLY A 68 20.80 4.26 7.03
N ILE A 69 20.69 3.00 6.61
CA ILE A 69 21.44 1.94 7.26
C ILE A 69 22.95 2.10 7.18
N ARG A 70 23.45 2.57 6.04
CA ARG A 70 24.89 2.71 5.86
C ARG A 70 25.44 3.76 6.81
N LYS A 71 24.52 4.52 7.40
CA LYS A 71 24.84 5.55 8.36
C LYS A 71 24.77 5.03 9.81
N ASP A 72 23.64 4.43 10.18
CA ASP A 72 23.45 3.97 11.56
C ASP A 72 24.32 2.78 11.94
N LEU A 73 24.16 1.68 11.21
CA LEU A 73 24.89 0.46 11.50
C LEU A 73 26.17 0.37 10.70
N ALA A 74 26.97 1.44 10.77
CA ALA A 74 28.22 1.49 10.01
C ALA A 74 29.37 0.84 10.74
N ASP A 75 29.32 0.86 12.07
CA ASP A 75 30.38 0.26 12.88
C ASP A 75 30.36 -1.25 12.83
N TYR A 76 29.24 -1.81 12.35
CA TYR A 76 29.09 -3.26 12.23
C TYR A 76 29.82 -3.80 11.01
N ASP A 77 29.85 -5.12 10.89
CA ASP A 77 30.51 -5.79 9.77
C ASP A 77 29.52 -6.18 8.67
N PHE A 78 28.30 -6.53 9.07
CA PHE A 78 27.27 -6.89 8.12
C PHE A 78 25.89 -6.40 8.57
N ALA A 79 25.10 -5.92 7.62
CA ALA A 79 23.73 -5.47 7.92
C ALA A 79 22.76 -6.38 7.14
N ILE A 80 21.93 -7.11 7.86
CA ILE A 80 20.99 -8.03 7.22
C ILE A 80 19.60 -7.43 7.24
N VAL A 81 18.82 -7.72 6.20
CA VAL A 81 17.47 -7.19 6.11
C VAL A 81 16.40 -8.25 5.98
N ASP A 82 15.54 -8.35 6.99
CA ASP A 82 14.40 -9.27 6.92
C ASP A 82 13.26 -8.50 6.21
N GLY A 83 13.22 -8.62 4.88
CA GLY A 83 12.25 -7.88 4.09
C GLY A 83 10.81 -8.15 4.41
N ALA A 84 9.96 -7.15 4.23
CA ALA A 84 8.54 -7.30 4.53
C ALA A 84 7.87 -8.28 3.57
N GLY A 85 6.89 -9.02 4.10
CA GLY A 85 6.16 -9.98 3.30
C GLY A 85 5.19 -9.31 2.34
N SER A 86 5.18 -7.99 2.34
CA SER A 86 4.30 -7.24 1.45
C SER A 86 5.04 -6.80 0.19
N LEU A 87 4.28 -6.32 -0.79
CA LEU A 87 4.86 -5.82 -2.05
C LEU A 87 5.01 -4.30 -1.85
N SER A 88 5.86 -3.91 -0.92
CA SER A 88 6.01 -2.50 -0.57
C SER A 88 7.22 -1.84 -1.17
N VAL A 89 7.60 -0.69 -0.59
CA VAL A 89 8.76 0.05 -1.04
C VAL A 89 10.02 -0.56 -0.41
N ILE A 90 9.85 -1.34 0.65
CA ILE A 90 10.98 -1.96 1.33
C ILE A 90 11.85 -2.73 0.35
N THR A 91 11.22 -3.47 -0.55
CA THR A 91 11.96 -4.23 -1.56
C THR A 91 12.74 -3.23 -2.42
N SER A 92 12.09 -2.13 -2.74
CA SER A 92 12.69 -1.07 -3.54
C SER A 92 13.83 -0.38 -2.78
N ALA A 93 13.58 -0.11 -1.49
CA ALA A 93 14.54 0.53 -0.61
C ALA A 93 15.79 -0.32 -0.46
N ALA A 94 15.59 -1.50 0.12
CA ALA A 94 16.65 -2.45 0.35
C ALA A 94 17.68 -2.54 -0.77
N VAL A 95 17.25 -2.94 -1.96
CA VAL A 95 18.16 -3.10 -3.08
C VAL A 95 18.99 -1.86 -3.32
N MET A 96 18.35 -0.70 -3.16
CA MET A 96 19.00 0.58 -3.38
C MET A 96 20.31 0.70 -2.60
N VAL A 97 20.33 0.16 -1.38
CA VAL A 97 21.51 0.22 -0.53
C VAL A 97 21.99 -1.16 -0.07
N SER A 98 22.40 -2.00 -1.02
CA SER A 98 22.88 -3.33 -0.67
C SER A 98 24.05 -3.81 -1.53
N ASP A 99 24.95 -4.59 -0.93
CA ASP A 99 26.09 -5.13 -1.69
C ASP A 99 25.74 -6.54 -2.14
N LEU A 100 24.62 -7.04 -1.63
CA LEU A 100 24.20 -8.40 -1.93
C LEU A 100 22.71 -8.58 -1.65
N VAL A 101 22.03 -9.26 -2.56
CA VAL A 101 20.61 -9.54 -2.39
C VAL A 101 20.35 -11.04 -2.50
N ILE A 102 19.69 -11.60 -1.47
CA ILE A 102 19.33 -13.01 -1.45
C ILE A 102 17.81 -13.12 -1.65
N ILE A 103 17.40 -13.98 -2.57
CA ILE A 103 15.99 -14.17 -2.87
C ILE A 103 15.53 -15.57 -2.49
N PRO A 104 14.92 -15.72 -1.29
CA PRO A 104 14.44 -17.00 -0.80
C PRO A 104 13.19 -17.50 -1.53
N VAL A 105 13.31 -18.65 -2.20
CA VAL A 105 12.22 -19.28 -2.93
C VAL A 105 12.05 -20.71 -2.42
N THR A 106 10.82 -21.19 -2.37
CA THR A 106 10.56 -22.53 -1.88
C THR A 106 10.08 -23.44 -3.02
N PRO A 107 10.29 -24.75 -2.86
CA PRO A 107 9.90 -25.76 -3.85
C PRO A 107 8.39 -25.83 -4.01
N SER A 108 7.79 -24.84 -4.68
CA SER A 108 6.34 -24.83 -4.93
C SER A 108 6.02 -23.89 -6.07
N PRO A 109 4.87 -24.09 -6.72
CA PRO A 109 4.40 -23.27 -7.84
C PRO A 109 3.78 -21.93 -7.54
N LEU A 110 3.17 -21.84 -6.37
CA LEU A 110 2.50 -20.61 -5.95
C LEU A 110 3.48 -19.68 -5.25
N ASP A 111 4.66 -20.20 -4.96
CA ASP A 111 5.72 -19.43 -4.29
C ASP A 111 6.57 -18.57 -5.24
N PHE A 112 6.70 -18.97 -6.51
CA PHE A 112 7.49 -18.20 -7.47
C PHE A 112 6.72 -17.03 -8.08
N SER A 113 5.60 -16.71 -7.43
CA SER A 113 4.67 -15.64 -7.80
C SER A 113 5.25 -14.24 -7.90
N ALA A 114 5.71 -13.69 -6.78
CA ALA A 114 6.29 -12.35 -6.81
C ALA A 114 7.79 -12.44 -6.62
N ALA A 115 8.34 -13.66 -6.68
CA ALA A 115 9.78 -13.84 -6.55
C ALA A 115 10.44 -13.18 -7.75
N GLY A 116 9.73 -13.16 -8.88
CA GLY A 116 10.23 -12.53 -10.09
C GLY A 116 10.31 -11.02 -9.92
N SER A 117 9.50 -10.50 -9.00
CA SER A 117 9.48 -9.07 -8.73
C SER A 117 10.87 -8.54 -8.41
N VAL A 118 11.46 -9.07 -7.34
CA VAL A 118 12.78 -8.64 -6.90
C VAL A 118 13.80 -8.58 -8.02
N VAL A 119 13.77 -9.61 -8.87
CA VAL A 119 14.73 -9.73 -9.96
C VAL A 119 14.79 -8.52 -10.86
N THR A 120 13.64 -7.90 -11.11
CA THR A 120 13.58 -6.73 -12.00
C THR A 120 14.00 -5.42 -11.34
N VAL A 121 13.80 -5.34 -10.02
CA VAL A 121 14.21 -4.14 -9.29
C VAL A 121 15.73 -4.11 -9.16
N LEU A 122 16.36 -5.28 -9.30
CA LEU A 122 17.82 -5.38 -9.24
C LEU A 122 18.43 -5.03 -10.59
N GLU A 123 17.80 -5.49 -11.66
CA GLU A 123 18.25 -5.16 -13.01
C GLU A 123 18.02 -3.66 -13.20
N ALA A 124 16.95 -3.15 -12.60
CA ALA A 124 16.59 -1.74 -12.68
C ALA A 124 17.59 -0.91 -11.88
N GLN A 125 18.18 -1.54 -10.87
CA GLN A 125 19.18 -0.89 -10.03
C GLN A 125 20.56 -1.00 -10.68
N ALA A 126 20.74 -2.06 -11.48
CA ALA A 126 22.01 -2.32 -12.16
C ALA A 126 22.51 -1.11 -12.93
N TYR A 127 21.60 -0.18 -13.21
CA TYR A 127 21.93 1.03 -13.96
C TYR A 127 22.76 2.01 -13.12
N SER A 128 22.31 2.27 -11.91
CA SER A 128 22.98 3.22 -11.02
C SER A 128 24.14 2.58 -10.26
N ARG A 129 23.96 1.35 -9.81
CA ARG A 129 25.00 0.62 -9.09
C ARG A 129 24.74 -0.89 -9.10
N LYS A 130 25.57 -1.62 -9.82
CA LYS A 130 25.45 -3.07 -9.90
C LYS A 130 25.33 -3.72 -8.53
N VAL A 131 24.21 -4.40 -8.30
CA VAL A 131 23.97 -5.09 -7.03
C VAL A 131 23.92 -6.61 -7.25
N GLU A 132 24.82 -7.31 -6.59
CA GLU A 132 24.91 -8.76 -6.72
C GLU A 132 23.63 -9.43 -6.26
N ALA A 133 23.43 -10.68 -6.63
CA ALA A 133 22.21 -11.42 -6.24
C ALA A 133 22.33 -12.93 -6.37
N ARG A 134 21.67 -13.63 -5.46
CA ARG A 134 21.68 -15.08 -5.42
C ARG A 134 20.35 -15.58 -4.89
N PHE A 135 19.80 -16.62 -5.53
CA PHE A 135 18.56 -17.21 -5.06
C PHE A 135 18.92 -18.21 -3.95
N LEU A 136 17.93 -18.50 -3.11
CA LEU A 136 18.16 -19.41 -1.99
C LEU A 136 17.01 -20.39 -1.84
N ILE A 137 17.29 -21.64 -2.16
CA ILE A 137 16.30 -22.70 -2.04
C ILE A 137 16.06 -22.87 -0.55
N THR A 138 14.80 -22.97 -0.16
CA THR A 138 14.46 -23.13 1.26
C THR A 138 13.37 -24.15 1.46
N ARG A 139 13.36 -24.76 2.64
CA ARG A 139 12.39 -25.79 2.96
C ARG A 139 12.44 -26.87 1.87
N LYS A 140 13.65 -27.09 1.36
CA LYS A 140 13.85 -28.07 0.34
C LYS A 140 13.29 -29.42 0.78
N ILE A 141 12.25 -29.87 0.10
CA ILE A 141 11.65 -31.16 0.36
C ILE A 141 12.28 -32.14 -0.65
N GLU A 142 11.92 -33.41 -0.56
CA GLU A 142 12.49 -34.37 -1.50
C GLU A 142 11.54 -34.70 -2.64
N MET A 143 11.63 -33.89 -3.68
CA MET A 143 10.82 -34.08 -4.89
C MET A 143 11.62 -33.61 -6.09
N ALA A 144 12.20 -34.57 -6.83
CA ALA A 144 13.01 -34.23 -7.99
C ALA A 144 12.16 -33.47 -9.00
N THR A 145 10.88 -33.82 -9.05
CA THR A 145 9.95 -33.17 -9.96
C THR A 145 9.93 -31.66 -9.74
N MET A 146 9.45 -31.25 -8.58
CA MET A 146 9.31 -29.85 -8.25
C MET A 146 10.62 -29.09 -8.26
N LEU A 147 11.67 -29.77 -7.80
CA LEU A 147 13.00 -29.16 -7.71
C LEU A 147 13.47 -28.66 -9.07
N ASN A 148 13.15 -29.42 -10.12
CA ASN A 148 13.53 -29.03 -11.47
C ASN A 148 12.61 -27.93 -11.99
N VAL A 149 11.33 -28.03 -11.65
CA VAL A 149 10.34 -27.05 -12.07
C VAL A 149 10.68 -25.68 -11.49
N LEU A 150 11.45 -25.69 -10.41
CA LEU A 150 11.90 -24.45 -9.77
C LEU A 150 13.28 -24.13 -10.34
N LYS A 151 14.20 -25.09 -10.20
CA LYS A 151 15.56 -24.97 -10.72
C LYS A 151 15.60 -24.31 -12.10
N GLU A 152 14.65 -24.67 -12.95
CA GLU A 152 14.53 -24.08 -14.30
C GLU A 152 14.13 -22.61 -14.19
N SER A 153 13.12 -22.33 -13.37
CA SER A 153 12.68 -20.97 -13.16
C SER A 153 13.85 -20.11 -12.65
N ILE A 154 14.64 -20.70 -11.75
CA ILE A 154 15.77 -20.00 -11.14
C ILE A 154 16.90 -19.80 -12.15
N LYS A 155 16.71 -20.32 -13.36
CA LYS A 155 17.72 -20.21 -14.40
C LYS A 155 17.36 -19.16 -15.45
N ASP A 156 16.13 -19.20 -15.94
CA ASP A 156 15.69 -18.24 -16.95
C ASP A 156 15.93 -16.83 -16.45
N THR A 157 15.69 -16.62 -15.16
CA THR A 157 15.87 -15.32 -14.50
C THR A 157 17.22 -14.68 -14.82
N GLY A 158 18.25 -15.52 -14.89
CA GLY A 158 19.58 -15.03 -15.21
C GLY A 158 20.44 -14.70 -14.02
N VAL A 159 20.17 -15.34 -12.88
CA VAL A 159 20.96 -15.11 -11.68
C VAL A 159 21.43 -16.43 -11.09
N LYS A 160 22.50 -16.38 -10.30
CA LYS A 160 23.03 -17.59 -9.67
C LYS A 160 22.17 -18.00 -8.48
N ALA A 161 22.48 -19.16 -7.92
CA ALA A 161 21.79 -19.69 -6.76
C ALA A 161 22.77 -20.55 -5.97
N PHE A 162 22.83 -20.34 -4.67
CA PHE A 162 23.75 -21.08 -3.82
C PHE A 162 23.65 -22.57 -4.01
N ARG A 163 24.82 -23.21 -4.11
CA ARG A 163 24.90 -24.66 -4.33
C ARG A 163 24.22 -25.41 -3.21
N THR A 164 24.17 -24.79 -2.03
CA THR A 164 23.52 -25.41 -0.88
C THR A 164 22.10 -24.85 -0.73
N ALA A 165 21.23 -25.63 -0.10
CA ALA A 165 19.85 -25.22 0.12
C ALA A 165 19.50 -25.40 1.59
N ILE A 166 18.40 -24.76 2.00
CA ILE A 166 17.92 -24.89 3.38
C ILE A 166 16.81 -25.94 3.37
N THR A 167 17.07 -27.07 4.01
CA THR A 167 16.10 -28.15 4.02
C THR A 167 14.97 -27.88 4.99
N GLN A 168 13.87 -28.60 4.83
CA GLN A 168 12.76 -28.49 5.76
C GLN A 168 13.02 -29.46 6.93
N ARG A 169 13.07 -28.92 8.14
CA ARG A 169 13.29 -29.72 9.33
C ARG A 169 12.50 -29.15 10.50
N GLN A 170 11.95 -30.04 11.32
CA GLN A 170 11.12 -29.63 12.44
C GLN A 170 11.93 -28.87 13.46
N VAL A 171 13.26 -28.83 13.29
CA VAL A 171 14.13 -28.08 14.20
C VAL A 171 14.11 -26.58 13.84
N TYR A 172 14.20 -26.27 12.55
CA TYR A 172 14.19 -24.88 12.09
C TYR A 172 12.97 -24.15 12.64
N VAL A 173 11.92 -24.90 12.95
CA VAL A 173 10.69 -24.34 13.48
C VAL A 173 10.67 -24.43 14.99
N LYS A 174 10.87 -25.65 15.49
CA LYS A 174 10.90 -25.88 16.92
C LYS A 174 11.84 -24.90 17.60
N SER A 175 12.90 -24.50 16.90
CA SER A 175 13.91 -23.61 17.48
C SER A 175 13.43 -22.17 17.64
N ILE A 176 12.54 -21.75 16.75
CA ILE A 176 11.98 -20.41 16.81
C ILE A 176 10.89 -20.30 17.87
N LEU A 177 10.29 -21.44 18.22
CA LEU A 177 9.25 -21.47 19.25
C LEU A 177 9.90 -21.21 20.61
N ASP A 178 11.00 -21.93 20.89
CA ASP A 178 11.69 -21.72 22.14
C ASP A 178 12.26 -20.31 22.13
N GLY A 179 13.19 -20.02 21.22
CA GLY A 179 13.82 -18.72 21.16
C GLY A 179 15.23 -18.83 20.62
N ASP A 180 15.73 -20.06 20.57
CA ASP A 180 17.07 -20.30 20.07
C ASP A 180 17.09 -20.21 18.55
N SER A 181 18.28 -20.41 18.00
CA SER A 181 18.45 -20.51 16.56
C SER A 181 18.59 -22.04 16.33
N VAL A 182 19.42 -22.45 15.38
CA VAL A 182 19.61 -23.88 15.14
C VAL A 182 20.95 -24.37 15.70
N PHE A 183 21.81 -23.44 16.12
CA PHE A 183 23.10 -23.80 16.70
C PHE A 183 22.99 -23.98 18.20
N GLU A 184 21.79 -23.79 18.73
CA GLU A 184 21.53 -23.99 20.14
C GLU A 184 20.72 -25.27 20.31
N SER A 185 21.21 -26.32 19.66
CA SER A 185 20.59 -27.65 19.67
C SER A 185 21.57 -28.65 19.06
N SER A 186 21.37 -29.93 19.32
CA SER A 186 22.31 -30.93 18.87
C SER A 186 22.17 -31.38 17.43
N ASP A 187 21.05 -31.04 16.80
CA ASP A 187 20.81 -31.43 15.40
C ASP A 187 21.96 -30.93 14.53
N GLY A 188 22.69 -31.87 13.92
CA GLY A 188 23.84 -31.54 13.09
C GLY A 188 23.54 -31.54 11.61
N ALA A 189 22.30 -31.86 11.26
CA ALA A 189 21.87 -31.86 9.87
C ALA A 189 21.73 -30.42 9.36
N ALA A 190 21.30 -29.52 10.25
CA ALA A 190 21.10 -28.12 9.90
C ALA A 190 22.34 -27.31 10.25
N LYS A 191 22.86 -27.54 11.44
CA LYS A 191 24.06 -26.85 11.92
C LYS A 191 25.18 -26.87 10.88
N GLY A 192 25.12 -27.86 9.99
CA GLY A 192 26.12 -27.99 8.96
C GLY A 192 25.84 -27.17 7.71
N GLU A 193 24.68 -27.39 7.11
CA GLU A 193 24.31 -26.68 5.88
C GLU A 193 24.34 -25.17 6.03
N ILE A 194 23.82 -24.67 7.15
CA ILE A 194 23.81 -23.24 7.40
C ILE A 194 25.25 -22.73 7.41
N GLU A 195 26.13 -23.51 8.03
CA GLU A 195 27.54 -23.16 8.13
C GLU A 195 28.21 -23.16 6.75
N ILE A 196 27.80 -24.09 5.90
CA ILE A 196 28.37 -24.20 4.56
C ILE A 196 27.84 -23.07 3.68
N LEU A 197 26.53 -22.84 3.76
CA LEU A 197 25.87 -21.79 3.01
C LEU A 197 26.51 -20.45 3.37
N THR A 198 26.76 -20.26 4.65
CA THR A 198 27.37 -19.04 5.15
C THR A 198 28.77 -18.86 4.58
N LYS A 199 29.54 -19.95 4.50
CA LYS A 199 30.89 -19.89 3.96
C LYS A 199 30.89 -19.37 2.52
N GLU A 200 29.78 -19.64 1.79
CA GLU A 200 29.65 -19.16 0.42
C GLU A 200 29.58 -17.64 0.42
N ILE A 201 28.67 -17.09 1.22
CA ILE A 201 28.49 -15.65 1.34
C ILE A 201 29.81 -14.94 1.58
N VAL A 202 30.65 -15.53 2.43
CA VAL A 202 31.97 -14.98 2.74
C VAL A 202 32.87 -14.95 1.52
N ARG A 203 32.73 -15.95 0.65
CA ARG A 203 33.51 -16.02 -0.59
C ARG A 203 33.12 -14.91 -1.56
N ILE A 204 31.83 -14.58 -1.59
CA ILE A 204 31.32 -13.54 -2.47
C ILE A 204 32.04 -12.21 -2.21
N PHE A 205 32.19 -11.85 -0.93
CA PHE A 205 32.86 -10.62 -0.56
C PHE A 205 34.38 -10.82 -0.55
N GLU A 206 34.81 -12.05 -0.77
CA GLU A 206 36.23 -12.36 -0.84
C GLU A 206 36.73 -11.90 -2.21
N ALA A 207 35.87 -12.00 -3.21
CA ALA A 207 36.18 -11.58 -4.57
C ALA A 207 36.06 -10.07 -4.77
N THR A 208 35.78 -9.36 -3.68
CA THR A 208 35.72 -7.90 -3.76
C THR A 208 37.04 -7.38 -3.16
N HIS A 209 37.73 -8.25 -2.43
CA HIS A 209 39.04 -7.93 -1.87
C HIS A 209 40.08 -8.32 -2.94
N HIS A 210 39.70 -9.25 -3.82
CA HIS A 210 40.57 -9.69 -4.90
C HIS A 210 40.53 -8.65 -6.02
N HIS A 211 39.33 -8.15 -6.32
CA HIS A 211 39.15 -7.12 -7.33
C HIS A 211 38.17 -6.06 -6.84
N MET B 1 19.38 10.04 -24.28
CA MET B 1 18.02 10.26 -23.73
C MET B 1 18.12 10.50 -22.23
N LYS B 2 17.51 11.59 -21.76
CA LYS B 2 17.57 11.94 -20.35
C LYS B 2 16.21 11.73 -19.70
N VAL B 3 16.22 11.49 -18.39
CA VAL B 3 15.00 11.21 -17.65
C VAL B 3 14.68 12.35 -16.70
N ILE B 4 13.39 12.58 -16.48
CA ILE B 4 12.92 13.66 -15.62
C ILE B 4 11.63 13.21 -14.94
N SER B 5 11.57 13.36 -13.62
CA SER B 5 10.40 12.92 -12.86
C SER B 5 9.79 14.03 -12.02
N PHE B 6 8.47 14.01 -11.93
CA PHE B 6 7.72 15.00 -11.11
C PHE B 6 7.11 14.22 -9.93
N LEU B 7 7.80 14.22 -8.78
CA LEU B 7 7.39 13.42 -7.63
C LEU B 7 7.02 14.20 -6.37
N ASN B 8 5.87 13.86 -5.78
CA ASN B 8 5.38 14.53 -4.58
C ASN B 8 4.01 13.97 -4.22
N PRO B 9 3.96 13.10 -3.20
CA PRO B 9 2.70 12.50 -2.76
C PRO B 9 1.44 13.38 -2.70
N LYS B 10 1.56 14.60 -2.18
CA LYS B 10 0.40 15.50 -1.99
C LYS B 10 -0.41 15.65 -3.28
N GLY B 11 -1.74 15.57 -3.16
CA GLY B 11 -2.61 15.63 -4.33
C GLY B 11 -2.88 16.99 -4.98
N GLY B 12 -2.72 18.06 -4.21
CA GLY B 12 -2.92 19.39 -4.76
C GLY B 12 -1.64 20.04 -5.26
N SER B 13 -0.55 19.27 -5.18
CA SER B 13 0.79 19.73 -5.57
C SER B 13 1.03 20.23 -7.02
N GLY B 14 0.18 19.86 -7.99
CA GLY B 14 0.31 20.34 -9.37
C GLY B 14 1.36 19.67 -10.20
N LYS B 15 1.58 18.41 -9.90
CA LYS B 15 2.58 17.63 -10.59
C LYS B 15 2.07 17.42 -12.02
N THR B 16 0.92 16.76 -12.11
CA THR B 16 0.26 16.44 -13.37
C THR B 16 0.14 17.69 -14.24
N THR B 17 -0.51 18.73 -13.72
CA THR B 17 -0.69 19.96 -14.49
C THR B 17 0.62 20.55 -14.99
N ALA B 18 1.60 20.62 -14.10
CA ALA B 18 2.90 21.16 -14.47
C ALA B 18 3.49 20.36 -15.63
N VAL B 19 3.47 19.04 -15.51
CA VAL B 19 3.99 18.16 -16.55
C VAL B 19 3.43 18.45 -17.92
N ILE B 20 2.12 18.61 -18.00
CA ILE B 20 1.48 18.89 -19.27
C ILE B 20 2.00 20.16 -19.93
N ASN B 21 1.78 21.28 -19.27
CA ASN B 21 2.19 22.59 -19.77
C ASN B 21 3.71 22.70 -19.98
N ILE B 22 4.48 22.05 -19.11
CA ILE B 22 5.93 22.06 -19.21
C ILE B 22 6.38 21.20 -20.39
N ALA B 23 5.82 20.00 -20.50
CA ALA B 23 6.17 19.05 -21.58
C ALA B 23 5.90 19.67 -22.94
N THR B 24 4.72 20.26 -23.12
CA THR B 24 4.36 20.89 -24.37
C THR B 24 5.43 21.91 -24.75
N ALA B 25 5.81 22.75 -23.79
CA ALA B 25 6.82 23.77 -24.04
C ALA B 25 8.07 23.18 -24.66
N LEU B 26 8.37 21.93 -24.32
CA LEU B 26 9.55 21.23 -24.82
C LEU B 26 9.44 20.88 -26.30
N SER B 27 8.26 20.43 -26.73
CA SER B 27 8.04 20.07 -28.12
C SER B 27 8.12 21.30 -29.03
N ARG B 28 7.49 22.38 -28.59
CA ARG B 28 7.53 23.63 -29.34
C ARG B 28 8.96 24.18 -29.42
N SER B 29 9.85 23.64 -28.59
CA SER B 29 11.25 24.06 -28.59
C SER B 29 12.05 23.24 -29.61
N GLY B 30 11.52 22.08 -29.98
CA GLY B 30 12.15 21.23 -30.97
C GLY B 30 12.23 19.77 -30.57
N TYR B 31 12.56 19.51 -29.30
CA TYR B 31 12.76 18.16 -28.84
C TYR B 31 11.59 17.23 -29.07
N ASN B 32 11.91 15.93 -29.13
CA ASN B 32 10.89 14.87 -29.18
C ASN B 32 10.70 14.42 -27.70
N ILE B 33 9.48 14.53 -27.17
CA ILE B 33 9.25 14.15 -25.79
C ILE B 33 8.26 13.01 -25.60
N ALA B 34 8.53 12.21 -24.56
CA ALA B 34 7.71 11.06 -24.20
C ALA B 34 7.36 11.19 -22.72
N VAL B 35 6.08 11.12 -22.42
CA VAL B 35 5.60 11.26 -21.04
C VAL B 35 5.03 9.95 -20.52
N VAL B 36 5.38 9.60 -19.29
CA VAL B 36 4.88 8.37 -18.67
C VAL B 36 3.90 8.71 -17.56
N ASP B 37 2.66 8.26 -17.72
CA ASP B 37 1.60 8.49 -16.74
C ASP B 37 1.57 7.32 -15.75
N THR B 38 1.87 7.60 -14.48
CA THR B 38 1.90 6.56 -13.47
C THR B 38 0.80 6.73 -12.43
N ASP B 39 -0.32 7.35 -12.83
CA ASP B 39 -1.42 7.53 -11.92
C ASP B 39 -2.46 6.42 -12.11
N PRO B 40 -2.88 5.77 -11.01
CA PRO B 40 -3.86 4.68 -10.95
C PRO B 40 -5.24 5.14 -11.43
N GLN B 41 -5.40 6.45 -11.55
CA GLN B 41 -6.64 7.07 -12.03
C GLN B 41 -6.42 7.52 -13.48
N MET B 42 -5.15 7.66 -13.85
CA MET B 42 -4.77 8.05 -15.20
C MET B 42 -5.46 9.33 -15.64
N SER B 43 -5.33 10.38 -14.84
CA SER B 43 -5.98 11.65 -15.17
C SER B 43 -5.31 12.33 -16.36
N LEU B 44 -3.99 12.19 -16.48
CA LEU B 44 -3.27 12.77 -17.60
C LEU B 44 -3.62 11.99 -18.86
N THR B 45 -3.85 10.70 -18.72
CA THR B 45 -4.21 9.86 -19.86
C THR B 45 -5.56 10.25 -20.44
N ASN B 46 -6.57 10.40 -19.59
CA ASN B 46 -7.90 10.78 -20.04
C ASN B 46 -7.83 12.11 -20.76
N TRP B 47 -6.99 13.01 -20.25
CA TRP B 47 -6.81 14.33 -20.86
C TRP B 47 -6.34 14.19 -22.30
N SER B 48 -5.32 13.38 -22.50
CA SER B 48 -4.77 13.16 -23.83
C SER B 48 -5.82 12.63 -24.82
N LYS B 49 -6.92 12.10 -24.28
CA LYS B 49 -7.92 11.42 -25.09
C LYS B 49 -8.85 12.19 -26.01
N ALA B 50 -9.08 13.46 -25.70
CA ALA B 50 -10.02 14.26 -26.51
C ALA B 50 -9.35 15.50 -27.07
N GLY B 51 -8.18 15.27 -27.63
CA GLY B 51 -7.39 16.35 -28.20
C GLY B 51 -6.03 15.78 -28.56
N LYS B 52 -5.24 16.55 -29.29
CA LYS B 52 -3.94 16.07 -29.70
C LYS B 52 -2.83 16.76 -28.92
N ALA B 53 -2.14 15.98 -28.10
CA ALA B 53 -1.03 16.51 -27.32
C ALA B 53 0.15 16.78 -28.27
N ALA B 54 1.16 17.50 -27.77
CA ALA B 54 2.32 17.80 -28.59
C ALA B 54 3.40 16.76 -28.35
N PHE B 55 3.25 16.02 -27.25
CA PHE B 55 4.21 14.98 -26.89
C PHE B 55 3.53 13.61 -26.99
N ASP B 56 4.25 12.57 -26.58
CA ASP B 56 3.70 11.21 -26.61
C ASP B 56 3.24 10.79 -25.22
N VAL B 57 2.02 10.26 -25.13
CA VAL B 57 1.48 9.82 -23.86
C VAL B 57 1.57 8.30 -23.71
N PHE B 58 2.43 7.87 -22.78
CA PHE B 58 2.61 6.46 -22.47
C PHE B 58 2.04 6.21 -21.08
N THR B 59 1.12 5.26 -20.94
CA THR B 59 0.53 4.95 -19.63
C THR B 59 1.12 3.69 -19.02
N ALA B 60 1.50 3.78 -17.74
CA ALA B 60 2.11 2.67 -17.04
C ALA B 60 1.11 1.75 -16.37
N ALA B 61 1.30 0.45 -16.58
CA ALA B 61 0.44 -0.57 -15.97
C ALA B 61 0.82 -0.77 -14.51
N SER B 62 2.08 -0.46 -14.18
CA SER B 62 2.58 -0.54 -12.81
C SER B 62 4.06 -0.19 -12.77
N GLU B 63 4.67 -0.38 -11.61
CA GLU B 63 6.10 -0.11 -11.39
C GLU B 63 6.99 -0.91 -12.33
N LYS B 64 6.43 -1.96 -12.93
CA LYS B 64 7.18 -2.81 -13.84
C LYS B 64 7.51 -2.09 -15.15
N ASP B 65 6.94 -0.91 -15.34
CA ASP B 65 7.16 -0.13 -16.57
C ASP B 65 8.08 1.05 -16.36
N VAL B 66 8.10 1.59 -15.14
CA VAL B 66 8.98 2.72 -14.84
C VAL B 66 10.41 2.18 -14.70
N TYR B 67 10.50 0.95 -14.20
CA TYR B 67 11.79 0.30 -14.01
C TYR B 67 12.50 -0.08 -15.31
N GLY B 68 11.95 0.36 -16.43
CA GLY B 68 12.56 0.08 -17.72
C GLY B 68 12.45 1.23 -18.72
N ILE B 69 12.20 2.42 -18.21
CA ILE B 69 12.02 3.59 -19.07
C ILE B 69 13.20 3.88 -19.97
N ARG B 70 14.41 3.76 -19.43
CA ARG B 70 15.61 4.07 -20.20
C ARG B 70 15.85 3.12 -21.35
N LYS B 71 15.10 2.02 -21.36
CA LYS B 71 15.22 1.02 -22.41
C LYS B 71 14.10 1.10 -23.43
N ASP B 72 12.87 1.34 -22.95
CA ASP B 72 11.72 1.43 -23.83
C ASP B 72 11.76 2.69 -24.67
N LEU B 73 11.59 3.83 -24.01
CA LEU B 73 11.57 5.13 -24.69
C LEU B 73 12.97 5.70 -24.82
N ALA B 74 13.88 4.89 -25.33
CA ALA B 74 15.27 5.28 -25.45
C ALA B 74 15.49 6.36 -26.49
N ASP B 75 15.02 6.08 -27.71
CA ASP B 75 15.18 7.00 -28.83
C ASP B 75 14.60 8.41 -28.68
N TYR B 76 13.98 8.69 -27.54
CA TYR B 76 13.45 10.04 -27.30
C TYR B 76 14.54 10.95 -26.72
N ASP B 77 14.27 12.25 -26.68
CA ASP B 77 15.22 13.21 -26.15
C ASP B 77 15.03 13.39 -24.66
N PHE B 78 13.78 13.34 -24.22
CA PHE B 78 13.45 13.48 -22.81
C PHE B 78 12.27 12.57 -22.45
N ALA B 79 12.39 11.89 -21.31
CA ALA B 79 11.32 11.00 -20.81
C ALA B 79 10.79 11.59 -19.49
N ILE B 80 9.56 12.12 -19.53
CA ILE B 80 8.97 12.77 -18.37
C ILE B 80 7.97 11.91 -17.67
N VAL B 81 8.03 11.88 -16.35
CA VAL B 81 7.14 11.04 -15.57
C VAL B 81 6.18 11.82 -14.70
N ASP B 82 4.89 11.51 -14.81
CA ASP B 82 3.85 12.12 -13.97
C ASP B 82 3.68 11.23 -12.72
N GLY B 83 4.47 11.50 -11.68
CA GLY B 83 4.43 10.71 -10.45
C GLY B 83 3.05 10.63 -9.85
N ALA B 84 2.84 9.72 -8.90
CA ALA B 84 1.51 9.52 -8.32
C ALA B 84 1.38 10.00 -6.89
N GLY B 85 0.12 10.11 -6.44
CA GLY B 85 -0.14 10.62 -5.10
C GLY B 85 -0.29 9.61 -4.01
N SER B 86 -0.40 8.34 -4.35
CA SER B 86 -0.61 7.31 -3.33
C SER B 86 0.39 6.17 -3.34
N LEU B 87 0.80 5.74 -4.52
CA LEU B 87 1.79 4.67 -4.63
C LEU B 87 3.18 5.26 -4.38
N SER B 88 3.62 5.27 -3.12
CA SER B 88 4.92 5.84 -2.78
C SER B 88 6.08 4.94 -3.26
N VAL B 89 5.73 3.84 -3.90
CA VAL B 89 6.73 2.93 -4.44
C VAL B 89 7.18 3.45 -5.81
N ILE B 90 6.36 4.31 -6.41
CA ILE B 90 6.68 4.93 -7.70
C ILE B 90 7.72 6.03 -7.45
N THR B 91 7.61 6.67 -6.30
CA THR B 91 8.55 7.72 -5.93
C THR B 91 9.94 7.11 -5.81
N SER B 92 9.98 5.85 -5.37
CA SER B 92 11.23 5.13 -5.21
C SER B 92 11.75 4.58 -6.54
N ALA B 93 10.82 4.18 -7.42
CA ALA B 93 11.18 3.66 -8.72
C ALA B 93 11.80 4.75 -9.58
N ALA B 94 11.04 5.83 -9.76
CA ALA B 94 11.44 6.97 -10.56
C ALA B 94 12.85 7.47 -10.31
N VAL B 95 13.11 7.91 -9.08
CA VAL B 95 14.42 8.45 -8.74
C VAL B 95 15.56 7.54 -9.18
N MET B 96 15.32 6.23 -9.11
CA MET B 96 16.34 5.25 -9.42
C MET B 96 16.78 5.24 -10.89
N VAL B 97 16.00 5.89 -11.74
CA VAL B 97 16.29 5.91 -13.16
C VAL B 97 16.16 7.28 -13.81
N SER B 98 16.25 8.33 -13.00
CA SER B 98 16.16 9.69 -13.53
C SER B 98 17.47 10.46 -13.46
N ASP B 99 17.56 11.54 -14.25
CA ASP B 99 18.73 12.42 -14.24
C ASP B 99 18.31 13.74 -13.61
N LEU B 100 17.01 13.89 -13.38
CA LEU B 100 16.46 15.08 -12.77
C LEU B 100 15.11 14.76 -12.13
N VAL B 101 14.94 15.18 -10.87
CA VAL B 101 13.69 14.97 -10.17
C VAL B 101 13.17 16.32 -9.70
N ILE B 102 12.05 16.76 -10.27
CA ILE B 102 11.44 18.03 -9.90
C ILE B 102 10.34 17.77 -8.85
N ILE B 103 10.44 18.49 -7.74
CA ILE B 103 9.47 18.37 -6.66
C ILE B 103 8.56 19.56 -6.55
N PRO B 104 7.32 19.44 -7.07
CA PRO B 104 6.34 20.53 -7.04
C PRO B 104 5.74 20.67 -5.62
N VAL B 105 5.69 21.90 -5.14
CA VAL B 105 5.15 22.23 -3.83
C VAL B 105 4.36 23.53 -3.96
N THR B 106 3.22 23.60 -3.28
CA THR B 106 2.38 24.78 -3.36
C THR B 106 2.58 25.63 -2.12
N PRO B 107 2.26 26.94 -2.21
CA PRO B 107 2.39 27.85 -1.10
C PRO B 107 1.32 27.65 -0.05
N SER B 108 1.13 26.40 0.38
CA SER B 108 0.20 26.14 1.47
C SER B 108 0.96 25.36 2.54
N PRO B 109 0.78 25.75 3.81
CA PRO B 109 1.44 25.11 4.94
C PRO B 109 1.16 23.60 5.01
N LEU B 110 -0.09 23.23 4.69
CA LEU B 110 -0.50 21.84 4.73
C LEU B 110 -0.26 21.09 3.43
N ASP B 111 0.25 21.75 2.42
CA ASP B 111 0.52 21.08 1.14
C ASP B 111 2.01 20.63 1.03
N PHE B 112 2.81 20.78 2.10
CA PHE B 112 4.24 20.52 2.07
C PHE B 112 4.76 19.29 2.70
N SER B 113 3.92 18.69 3.50
CA SER B 113 4.33 17.51 4.19
C SER B 113 5.21 16.50 3.41
N ALA B 114 4.83 16.18 2.17
CA ALA B 114 5.53 15.13 1.43
C ALA B 114 6.82 15.50 0.70
N ALA B 115 7.00 16.81 0.47
CA ALA B 115 8.21 17.29 -0.16
C ALA B 115 9.40 16.50 0.40
N GLY B 116 9.46 16.44 1.73
CA GLY B 116 10.52 15.75 2.41
C GLY B 116 10.86 14.36 1.94
N SER B 117 9.87 13.47 1.90
CA SER B 117 10.15 12.08 1.53
C SER B 117 11.02 11.91 0.29
N VAL B 118 10.58 12.51 -0.81
CA VAL B 118 11.31 12.39 -2.08
C VAL B 118 12.75 12.81 -1.90
N VAL B 119 12.97 13.72 -0.96
CA VAL B 119 14.31 14.21 -0.64
C VAL B 119 15.17 13.11 -0.04
N THR B 120 14.69 12.52 1.06
CA THR B 120 15.44 11.45 1.72
C THR B 120 15.58 10.21 0.81
N VAL B 121 14.64 10.04 -0.12
CA VAL B 121 14.70 8.92 -1.06
C VAL B 121 15.71 9.25 -2.15
N LEU B 122 16.01 10.53 -2.30
CA LEU B 122 16.99 11.00 -3.29
C LEU B 122 18.40 10.90 -2.71
N GLU B 123 18.58 11.49 -1.53
CA GLU B 123 19.86 11.44 -0.83
C GLU B 123 20.25 9.98 -0.62
N ALA B 124 19.25 9.12 -0.48
CA ALA B 124 19.47 7.69 -0.31
C ALA B 124 20.06 7.12 -1.60
N GLN B 125 19.47 7.50 -2.73
CA GLN B 125 19.93 7.06 -4.04
C GLN B 125 21.36 7.54 -4.32
N ALA B 126 21.73 8.66 -3.69
CA ALA B 126 23.03 9.28 -3.91
C ALA B 126 24.24 8.34 -3.84
N TYR B 127 24.15 7.29 -3.02
CA TYR B 127 25.26 6.36 -2.88
C TYR B 127 25.49 5.55 -4.14
N SER B 128 24.42 5.30 -4.88
CA SER B 128 24.49 4.53 -6.10
C SER B 128 24.64 5.43 -7.34
N ARG B 129 23.99 6.60 -7.33
CA ARG B 129 24.05 7.53 -8.45
C ARG B 129 23.44 8.88 -8.07
N LYS B 130 24.27 9.92 -8.11
CA LYS B 130 23.82 11.27 -7.80
C LYS B 130 22.69 11.72 -8.71
N VAL B 131 21.47 11.69 -8.21
CA VAL B 131 20.30 12.14 -8.97
C VAL B 131 20.01 13.61 -8.63
N GLU B 132 20.18 14.48 -9.63
CA GLU B 132 19.98 15.91 -9.45
C GLU B 132 18.51 16.20 -9.14
N ALA B 133 18.25 17.16 -8.26
CA ALA B 133 16.89 17.52 -7.89
C ALA B 133 16.70 19.02 -7.73
N ARG B 134 15.44 19.45 -7.84
CA ARG B 134 15.07 20.85 -7.74
C ARG B 134 13.60 20.95 -7.37
N PHE B 135 13.27 21.88 -6.49
CA PHE B 135 11.87 22.08 -6.11
C PHE B 135 11.22 22.97 -7.18
N LEU B 136 9.94 23.26 -7.02
CA LEU B 136 9.22 24.09 -7.98
C LEU B 136 7.93 24.61 -7.34
N ILE B 137 7.92 25.91 -7.07
CA ILE B 137 6.76 26.53 -6.45
C ILE B 137 5.66 26.58 -7.49
N THR B 138 4.47 26.15 -7.12
CA THR B 138 3.34 26.12 -8.05
C THR B 138 2.11 26.71 -7.38
N ARG B 139 1.20 27.25 -8.19
CA ARG B 139 -0.01 27.86 -7.67
C ARG B 139 0.38 29.07 -6.82
N LYS B 140 1.56 29.60 -7.08
CA LYS B 140 2.04 30.75 -6.34
C LYS B 140 1.08 31.92 -6.38
N ILE B 141 0.61 32.29 -5.19
CA ILE B 141 -0.27 33.44 -5.03
C ILE B 141 0.55 34.41 -4.15
N GLU B 142 0.25 35.70 -4.22
CA GLU B 142 1.01 36.66 -3.43
C GLU B 142 0.76 36.54 -1.95
N MET B 143 1.65 35.81 -1.29
CA MET B 143 1.59 35.59 0.15
C MET B 143 2.99 35.84 0.70
N ALA B 144 3.28 37.08 1.08
CA ALA B 144 4.60 37.41 1.61
C ALA B 144 5.03 36.40 2.66
N THR B 145 4.16 36.17 3.63
CA THR B 145 4.44 35.27 4.74
C THR B 145 4.57 33.81 4.30
N MET B 146 3.48 33.28 3.76
CA MET B 146 3.43 31.88 3.34
C MET B 146 4.55 31.50 2.40
N LEU B 147 5.04 32.47 1.63
CA LEU B 147 6.10 32.22 0.66
C LEU B 147 7.48 32.20 1.31
N ASN B 148 7.70 33.10 2.24
CA ASN B 148 8.99 33.20 2.90
C ASN B 148 9.37 31.89 3.58
N VAL B 149 8.36 31.21 4.12
CA VAL B 149 8.54 29.97 4.86
C VAL B 149 8.67 28.76 3.98
N LEU B 150 7.93 28.77 2.89
CA LEU B 150 8.07 27.71 1.90
C LEU B 150 9.52 27.87 1.39
N LYS B 151 9.98 29.12 1.35
CA LYS B 151 11.33 29.44 0.91
C LYS B 151 12.37 29.02 1.95
N GLU B 152 11.93 28.82 3.19
CA GLU B 152 12.83 28.39 4.26
C GLU B 152 12.79 26.87 4.43
N SER B 153 11.63 26.27 4.15
CA SER B 153 11.48 24.83 4.22
C SER B 153 12.33 24.24 3.08
N ILE B 154 12.19 24.82 1.90
CA ILE B 154 12.95 24.40 0.73
C ILE B 154 14.44 24.54 1.01
N LYS B 155 14.79 25.51 1.85
CA LYS B 155 16.18 25.75 2.19
C LYS B 155 16.75 24.65 3.07
N ASP B 156 16.08 24.38 4.18
CA ASP B 156 16.52 23.38 5.13
C ASP B 156 16.91 22.05 4.49
N THR B 157 16.17 21.68 3.44
CA THR B 157 16.39 20.41 2.76
C THR B 157 17.77 20.27 2.13
N GLY B 158 18.28 21.38 1.62
CA GLY B 158 19.60 21.40 1.01
C GLY B 158 19.55 21.48 -0.50
N VAL B 159 18.40 21.10 -1.07
CA VAL B 159 18.24 21.12 -2.52
C VAL B 159 18.04 22.55 -3.00
N LYS B 160 18.22 22.75 -4.30
CA LYS B 160 18.00 24.06 -4.90
C LYS B 160 16.53 24.22 -5.30
N ALA B 161 16.21 25.34 -5.93
CA ALA B 161 14.86 25.61 -6.39
C ALA B 161 14.91 26.34 -7.74
N PHE B 162 13.75 26.74 -8.24
CA PHE B 162 13.68 27.45 -9.51
C PHE B 162 13.21 28.89 -9.33
N ARG B 163 13.87 29.81 -10.03
CA ARG B 163 13.51 31.22 -9.98
C ARG B 163 12.05 31.40 -10.41
N THR B 164 11.69 30.75 -11.51
CA THR B 164 10.33 30.82 -12.02
C THR B 164 9.43 29.95 -11.16
N ALA B 165 8.15 30.23 -11.22
CA ALA B 165 7.16 29.48 -10.48
C ALA B 165 5.82 29.54 -11.19
N ILE B 166 5.12 28.42 -11.23
CA ILE B 166 3.80 28.42 -11.84
C ILE B 166 2.94 29.29 -10.91
N THR B 167 1.96 29.96 -11.48
CA THR B 167 1.08 30.80 -10.69
C THR B 167 -0.34 30.25 -10.68
N GLN B 168 -1.08 30.59 -9.64
CA GLN B 168 -2.48 30.20 -9.53
C GLN B 168 -3.27 31.05 -10.53
N ARG B 169 -3.64 30.44 -11.66
CA ARG B 169 -4.39 31.13 -12.69
C ARG B 169 -5.53 30.31 -13.26
N GLN B 170 -6.58 31.01 -13.69
CA GLN B 170 -7.75 30.38 -14.27
C GLN B 170 -7.35 29.47 -15.44
N VAL B 171 -6.52 30.00 -16.33
CA VAL B 171 -6.08 29.27 -17.51
C VAL B 171 -5.55 27.87 -17.25
N TYR B 172 -4.63 27.72 -16.30
CA TYR B 172 -4.05 26.42 -16.01
C TYR B 172 -5.10 25.35 -15.72
N VAL B 173 -6.30 25.79 -15.33
CA VAL B 173 -7.38 24.87 -15.01
C VAL B 173 -8.42 24.85 -16.13
N LYS B 174 -8.51 25.94 -16.87
CA LYS B 174 -9.47 26.06 -17.97
C LYS B 174 -8.99 25.29 -19.20
N SER B 175 -7.68 25.35 -19.46
CA SER B 175 -7.08 24.64 -20.58
C SER B 175 -7.22 23.12 -20.39
N ILE B 176 -6.98 22.64 -19.18
CA ILE B 176 -7.16 21.21 -18.91
C ILE B 176 -8.61 20.84 -19.17
N LEU B 177 -9.53 21.66 -18.67
CA LEU B 177 -10.96 21.43 -18.81
C LEU B 177 -11.41 21.11 -20.23
N ASP B 178 -10.84 21.81 -21.20
CA ASP B 178 -11.20 21.59 -22.61
C ASP B 178 -10.36 20.48 -23.23
N GLY B 179 -9.16 20.27 -22.70
CA GLY B 179 -8.28 19.23 -23.19
C GLY B 179 -7.15 19.78 -24.03
N ASP B 180 -6.33 20.63 -23.43
CA ASP B 180 -5.19 21.24 -24.12
C ASP B 180 -4.34 22.08 -23.19
N SER B 181 -3.09 22.28 -23.55
CA SER B 181 -2.16 23.07 -22.74
C SER B 181 -2.52 24.55 -22.81
N VAL B 182 -1.80 25.36 -22.05
CA VAL B 182 -2.01 26.80 -21.96
C VAL B 182 -1.54 27.53 -23.22
N PHE B 183 -0.67 26.89 -24.01
CA PHE B 183 -0.18 27.49 -25.24
C PHE B 183 -1.28 27.53 -26.31
N GLU B 184 -2.48 27.10 -25.93
CA GLU B 184 -3.64 27.14 -26.83
C GLU B 184 -4.41 28.46 -26.62
N SER B 185 -4.19 29.08 -25.47
CA SER B 185 -4.80 30.36 -25.19
C SER B 185 -3.72 31.42 -25.49
N SER B 186 -4.13 32.69 -25.54
CA SER B 186 -3.20 33.77 -25.82
C SER B 186 -2.84 34.50 -24.55
N ASP B 187 -2.87 33.80 -23.41
CA ASP B 187 -2.53 34.42 -22.12
C ASP B 187 -1.00 34.55 -22.01
N GLY B 188 -0.52 35.79 -21.96
CA GLY B 188 0.90 36.07 -21.88
C GLY B 188 1.51 35.71 -20.55
N ALA B 189 0.71 35.80 -19.49
CA ALA B 189 1.19 35.44 -18.16
C ALA B 189 1.57 33.96 -18.13
N ALA B 190 0.66 33.11 -18.59
CA ALA B 190 0.88 31.68 -18.60
C ALA B 190 2.13 31.29 -19.41
N LYS B 191 2.15 31.69 -20.68
CA LYS B 191 3.27 31.33 -21.54
C LYS B 191 4.62 31.72 -20.96
N GLY B 192 4.80 33.01 -20.70
CA GLY B 192 6.06 33.49 -20.17
C GLY B 192 6.67 32.65 -19.09
N GLU B 193 5.89 32.39 -18.05
CA GLU B 193 6.35 31.60 -16.92
C GLU B 193 6.95 30.26 -17.33
N ILE B 194 6.11 29.40 -17.89
CA ILE B 194 6.51 28.08 -18.32
C ILE B 194 7.62 28.18 -19.36
N GLU B 195 7.40 29.03 -20.37
CA GLU B 195 8.39 29.25 -21.41
C GLU B 195 9.78 29.47 -20.81
N ILE B 196 9.82 30.10 -19.64
CA ILE B 196 11.09 30.40 -18.96
C ILE B 196 11.51 29.27 -18.02
N LEU B 197 10.53 28.70 -17.32
CA LEU B 197 10.78 27.61 -16.40
C LEU B 197 11.46 26.50 -17.19
N THR B 198 10.99 26.30 -18.42
CA THR B 198 11.51 25.29 -19.32
C THR B 198 12.96 25.56 -19.67
N LYS B 199 13.29 26.84 -19.87
CA LYS B 199 14.65 27.21 -20.22
C LYS B 199 15.62 26.73 -19.15
N GLU B 200 15.26 26.95 -17.88
CA GLU B 200 16.11 26.54 -16.76
C GLU B 200 16.49 25.08 -16.86
N ILE B 201 15.48 24.24 -17.12
CA ILE B 201 15.67 22.80 -17.26
C ILE B 201 16.66 22.45 -18.36
N VAL B 202 16.49 23.06 -19.53
CA VAL B 202 17.38 22.81 -20.66
C VAL B 202 18.81 23.26 -20.36
N ARG B 203 18.97 24.04 -19.30
CA ARG B 203 20.29 24.53 -18.90
C ARG B 203 21.00 23.52 -18.00
N ILE B 204 20.25 22.94 -17.06
CA ILE B 204 20.80 21.94 -16.15
C ILE B 204 21.57 20.89 -16.95
N PHE B 205 20.96 20.42 -18.03
CA PHE B 205 21.54 19.40 -18.88
C PHE B 205 22.65 19.93 -19.77
N GLU B 206 22.63 21.23 -20.03
CA GLU B 206 23.65 21.83 -20.87
C GLU B 206 24.97 21.92 -20.09
N ALA B 207 24.85 22.04 -18.76
CA ALA B 207 26.02 22.11 -17.88
C ALA B 207 26.54 20.69 -17.65
N THR B 208 25.64 19.75 -17.88
CA THR B 208 25.89 18.31 -17.80
C THR B 208 26.91 17.98 -18.89
N HIS B 209 26.66 18.50 -20.09
CA HIS B 209 27.56 18.30 -21.22
C HIS B 209 28.72 19.33 -21.22
N HIS B 210 28.81 20.08 -20.12
CA HIS B 210 29.82 21.13 -19.88
C HIS B 210 31.06 20.57 -19.22
N HIS B 211 30.85 20.13 -17.99
CA HIS B 211 31.94 19.55 -17.22
C HIS B 211 31.86 18.04 -17.40
N MET C 1 -24.28 8.64 20.38
CA MET C 1 -23.11 9.24 19.70
C MET C 1 -23.19 9.00 18.19
N LYS C 2 -22.80 10.00 17.41
CA LYS C 2 -22.83 9.90 15.96
C LYS C 2 -21.44 10.09 15.37
N VAL C 3 -21.17 9.39 14.26
CA VAL C 3 -19.86 9.47 13.61
C VAL C 3 -19.97 9.98 12.19
N ILE C 4 -19.01 10.78 11.77
CA ILE C 4 -19.00 11.39 10.44
C ILE C 4 -17.60 11.37 9.83
N SER C 5 -17.53 11.03 8.55
CA SER C 5 -16.24 10.92 7.87
C SER C 5 -16.12 11.77 6.63
N PHE C 6 -14.96 12.39 6.47
CA PHE C 6 -14.67 13.24 5.31
C PHE C 6 -13.68 12.50 4.42
N LEU C 7 -14.20 11.79 3.42
CA LEU C 7 -13.37 11.00 2.54
C LEU C 7 -13.31 11.47 1.12
N ASN C 8 -12.13 11.33 0.55
CA ASN C 8 -11.85 11.64 -0.85
C ASN C 8 -10.38 11.38 -1.07
N PRO C 9 -10.04 10.33 -1.82
CA PRO C 9 -8.65 9.98 -2.11
C PRO C 9 -7.80 11.07 -2.77
N LYS C 10 -8.36 12.25 -3.05
CA LYS C 10 -7.62 13.34 -3.72
C LYS C 10 -7.10 14.36 -2.73
N GLY C 11 -5.81 14.67 -2.84
CA GLY C 11 -5.13 15.57 -1.92
C GLY C 11 -5.52 17.04 -1.85
N GLY C 12 -6.11 17.56 -2.91
CA GLY C 12 -6.52 18.95 -2.90
C GLY C 12 -8.01 19.09 -2.61
N SER C 13 -8.65 17.97 -2.32
CA SER C 13 -10.09 17.93 -2.07
C SER C 13 -10.56 18.74 -0.87
N GLY C 14 -9.60 19.14 -0.02
CA GLY C 14 -9.95 19.96 1.12
C GLY C 14 -10.67 19.28 2.24
N LYS C 15 -10.25 18.05 2.55
CA LYS C 15 -10.85 17.29 3.66
C LYS C 15 -10.41 17.89 5.00
N THR C 16 -9.10 17.82 5.28
CA THR C 16 -8.54 18.36 6.52
C THR C 16 -9.04 19.77 6.79
N THR C 17 -8.78 20.69 5.86
CA THR C 17 -9.23 22.08 6.02
C THR C 17 -10.71 22.17 6.34
N ALA C 18 -11.52 21.33 5.69
CA ALA C 18 -12.95 21.34 5.94
C ALA C 18 -13.28 20.94 7.36
N VAL C 19 -12.68 19.84 7.83
CA VAL C 19 -12.92 19.33 9.17
C VAL C 19 -12.60 20.37 10.24
N ILE C 20 -11.48 21.04 10.06
CA ILE C 20 -11.05 22.05 11.01
C ILE C 20 -12.14 23.07 11.25
N ASN C 21 -12.68 23.62 10.17
CA ASN C 21 -13.68 24.67 10.26
C ASN C 21 -15.10 24.24 10.61
N ILE C 22 -15.50 23.08 10.10
CA ILE C 22 -16.85 22.57 10.34
C ILE C 22 -16.98 22.05 11.76
N ALA C 23 -15.97 21.32 12.23
CA ALA C 23 -15.98 20.79 13.59
C ALA C 23 -15.96 21.94 14.61
N THR C 24 -15.17 22.97 14.33
CA THR C 24 -15.12 24.15 15.19
C THR C 24 -16.53 24.74 15.26
N ALA C 25 -17.09 25.01 14.09
CA ALA C 25 -18.44 25.54 13.98
C ALA C 25 -19.41 24.74 14.85
N LEU C 26 -19.17 23.44 14.96
CA LEU C 26 -20.03 22.56 15.73
C LEU C 26 -19.82 22.68 17.24
N SER C 27 -18.56 22.85 17.64
CA SER C 27 -18.23 22.98 19.06
C SER C 27 -18.97 24.12 19.71
N ARG C 28 -18.91 25.28 19.06
CA ARG C 28 -19.53 26.50 19.55
C ARG C 28 -21.05 26.50 19.31
N SER C 29 -21.70 25.42 19.71
CA SER C 29 -23.14 25.27 19.56
C SER C 29 -23.67 24.24 20.57
N GLY C 30 -22.88 23.98 21.62
CA GLY C 30 -23.27 23.00 22.62
C GLY C 30 -23.05 21.57 22.13
N TYR C 31 -21.86 21.33 21.58
CA TYR C 31 -21.51 20.02 21.03
C TYR C 31 -20.08 19.67 21.36
N ASN C 32 -19.88 18.47 21.89
CA ASN C 32 -18.53 17.98 22.17
C ASN C 32 -18.07 17.18 20.94
N ILE C 33 -17.06 17.69 20.24
CA ILE C 33 -16.56 17.03 19.04
C ILE C 33 -15.16 16.49 19.18
N ALA C 34 -14.95 15.31 18.61
CA ALA C 34 -13.65 14.67 18.61
C ALA C 34 -13.28 14.37 17.16
N VAL C 35 -11.99 14.39 16.85
CA VAL C 35 -11.55 14.15 15.47
C VAL C 35 -10.43 13.10 15.43
N VAL C 36 -10.33 12.39 14.31
CA VAL C 36 -9.33 11.35 14.14
C VAL C 36 -8.46 11.63 12.93
N ASP C 37 -7.20 11.98 13.18
CA ASP C 37 -6.26 12.30 12.10
C ASP C 37 -5.61 11.03 11.58
N THR C 38 -6.02 10.59 10.39
CA THR C 38 -5.50 9.35 9.83
C THR C 38 -4.39 9.58 8.82
N ASP C 39 -4.18 10.82 8.43
CA ASP C 39 -3.11 11.12 7.49
C ASP C 39 -1.79 10.68 8.11
N PRO C 40 -1.02 9.84 7.39
CA PRO C 40 0.29 9.35 7.86
C PRO C 40 1.20 10.51 8.23
N GLN C 41 1.14 11.56 7.42
CA GLN C 41 1.92 12.78 7.62
C GLN C 41 1.48 13.52 8.88
N MET C 42 0.21 13.39 9.25
CA MET C 42 -0.31 14.00 10.47
C MET C 42 -0.34 15.52 10.40
N SER C 43 -1.28 16.07 9.62
CA SER C 43 -1.40 17.52 9.50
C SER C 43 -2.41 18.10 10.49
N LEU C 44 -3.59 17.49 10.57
CA LEU C 44 -4.62 17.96 11.52
C LEU C 44 -4.10 17.76 12.94
N THR C 45 -2.98 17.06 13.07
CA THR C 45 -2.34 16.85 14.36
C THR C 45 -1.22 17.86 14.55
N ASN C 46 -0.30 17.92 13.59
CA ASN C 46 0.82 18.85 13.66
C ASN C 46 0.31 20.30 13.70
N TRP C 47 -0.92 20.49 13.21
CA TRP C 47 -1.54 21.81 13.18
C TRP C 47 -2.14 22.11 14.55
N SER C 48 -2.86 21.12 15.09
CA SER C 48 -3.51 21.26 16.39
C SER C 48 -2.50 21.54 17.50
N LYS C 49 -1.21 21.48 17.16
CA LYS C 49 -0.15 21.83 18.10
C LYS C 49 -0.03 23.36 18.10
N ALA C 50 -1.12 24.01 18.50
CA ALA C 50 -1.19 25.47 18.54
C ALA C 50 -2.18 25.92 19.62
N GLY C 51 -2.75 24.96 20.33
CA GLY C 51 -3.70 25.25 21.40
C GLY C 51 -5.09 25.52 20.86
N LYS C 52 -5.18 26.50 19.97
CA LYS C 52 -6.45 26.86 19.35
C LYS C 52 -7.10 25.60 18.78
N ALA C 53 -8.15 25.13 19.47
CA ALA C 53 -8.86 23.94 19.06
C ALA C 53 -10.15 23.82 19.86
N ALA C 54 -11.27 24.14 19.21
CA ALA C 54 -12.56 24.07 19.86
C ALA C 54 -12.98 22.62 20.06
N PHE C 55 -12.16 21.70 19.56
CA PHE C 55 -12.44 20.26 19.67
C PHE C 55 -11.24 19.50 20.23
N ASP C 56 -11.35 18.17 20.26
CA ASP C 56 -10.28 17.31 20.73
C ASP C 56 -9.62 16.63 19.53
N VAL C 57 -8.31 16.42 19.63
CA VAL C 57 -7.58 15.80 18.54
C VAL C 57 -6.91 14.50 18.95
N PHE C 58 -7.38 13.41 18.36
CA PHE C 58 -6.82 12.09 18.58
C PHE C 58 -6.11 11.69 17.29
N THR C 59 -4.83 11.35 17.36
CA THR C 59 -4.11 10.94 16.15
C THR C 59 -4.23 9.43 15.97
N ALA C 60 -4.33 9.00 14.71
CA ALA C 60 -4.49 7.60 14.39
C ALA C 60 -3.21 6.96 13.87
N ALA C 61 -2.91 5.77 14.39
CA ALA C 61 -1.74 5.03 13.99
C ALA C 61 -2.11 4.04 12.87
N SER C 62 -3.22 3.34 13.07
CA SER C 62 -3.71 2.38 12.09
C SER C 62 -5.24 2.32 12.15
N GLU C 63 -5.83 1.60 11.20
CA GLU C 63 -7.28 1.44 11.14
C GLU C 63 -7.85 0.85 12.43
N LYS C 64 -7.01 0.23 13.24
CA LYS C 64 -7.46 -0.33 14.52
C LYS C 64 -8.10 0.77 15.37
N ASP C 65 -7.55 1.98 15.27
CA ASP C 65 -8.06 3.13 16.00
C ASP C 65 -9.41 3.56 15.43
N VAL C 66 -9.50 3.62 14.10
CA VAL C 66 -10.72 4.00 13.43
C VAL C 66 -11.86 3.02 13.74
N TYR C 67 -11.54 1.73 13.68
CA TYR C 67 -12.53 0.68 13.87
C TYR C 67 -13.17 0.61 15.24
N GLY C 68 -12.49 1.18 16.25
CA GLY C 68 -13.00 1.11 17.61
C GLY C 68 -13.58 2.38 18.16
N ILE C 69 -13.84 3.35 17.28
CA ILE C 69 -14.36 4.65 17.69
C ILE C 69 -15.62 4.61 18.54
N ARG C 70 -16.66 3.92 18.05
CA ARG C 70 -17.92 3.84 18.79
C ARG C 70 -17.72 3.42 20.25
N LYS C 71 -16.59 2.78 20.52
CA LYS C 71 -16.29 2.31 21.86
C LYS C 71 -15.39 3.26 22.66
N ASP C 72 -14.59 4.05 21.94
CA ASP C 72 -13.66 4.96 22.59
C ASP C 72 -14.18 6.40 22.63
N LEU C 73 -14.43 6.98 21.46
CA LEU C 73 -14.95 8.36 21.39
C LEU C 73 -16.47 8.34 21.48
N ALA C 74 -17.01 7.54 22.39
CA ALA C 74 -18.45 7.38 22.52
C ALA C 74 -19.12 8.42 23.39
N ASP C 75 -18.34 9.06 24.25
CA ASP C 75 -18.90 10.05 25.16
C ASP C 75 -19.18 11.37 24.48
N TYR C 76 -18.67 11.53 23.27
CA TYR C 76 -18.86 12.76 22.52
C TYR C 76 -20.20 12.76 21.77
N ASP C 77 -20.73 13.96 21.52
CA ASP C 77 -21.96 14.09 20.75
C ASP C 77 -21.63 13.84 19.27
N PHE C 78 -20.36 13.97 18.92
CA PHE C 78 -19.92 13.74 17.55
C PHE C 78 -18.47 13.30 17.47
N ALA C 79 -18.18 12.46 16.47
CA ALA C 79 -16.83 11.97 16.22
C ALA C 79 -16.61 12.09 14.72
N ILE C 80 -15.56 12.80 14.33
CA ILE C 80 -15.29 13.05 12.92
C ILE C 80 -13.91 12.55 12.51
N VAL C 81 -13.76 12.15 11.26
CA VAL C 81 -12.51 11.60 10.79
C VAL C 81 -11.93 12.34 9.62
N ASP C 82 -10.63 12.62 9.69
CA ASP C 82 -9.91 13.24 8.58
C ASP C 82 -9.57 12.08 7.62
N GLY C 83 -9.76 12.31 6.33
CA GLY C 83 -9.53 11.26 5.35
C GLY C 83 -8.10 11.13 4.89
N ALA C 84 -7.68 9.91 4.61
CA ALA C 84 -6.33 9.66 4.13
C ALA C 84 -6.28 9.82 2.61
N GLY C 85 -5.27 10.53 2.14
CA GLY C 85 -5.12 10.73 0.71
C GLY C 85 -4.57 9.50 0.01
N SER C 86 -3.81 8.68 0.75
CA SER C 86 -3.18 7.52 0.17
C SER C 86 -3.68 6.17 0.64
N LEU C 87 -4.02 6.06 1.92
CA LEU C 87 -4.44 4.77 2.46
C LEU C 87 -5.86 4.43 2.03
N SER C 88 -5.99 3.72 0.92
CA SER C 88 -7.30 3.35 0.39
C SER C 88 -7.99 2.30 1.26
N VAL C 89 -7.32 1.90 2.35
CA VAL C 89 -7.91 0.96 3.30
C VAL C 89 -8.74 1.74 4.32
N ILE C 90 -8.35 2.99 4.56
CA ILE C 90 -9.04 3.85 5.50
C ILE C 90 -10.45 4.18 5.01
N THR C 91 -10.58 4.38 3.71
CA THR C 91 -11.88 4.69 3.13
C THR C 91 -12.94 3.71 3.65
N SER C 92 -12.61 2.42 3.60
CA SER C 92 -13.53 1.38 4.06
C SER C 92 -13.55 1.26 5.57
N ALA C 93 -12.40 1.51 6.21
CA ALA C 93 -12.35 1.47 7.66
C ALA C 93 -13.33 2.50 8.19
N ALA C 94 -13.51 3.57 7.42
CA ALA C 94 -14.40 4.66 7.78
C ALA C 94 -15.86 4.32 7.57
N VAL C 95 -16.26 4.19 6.30
CA VAL C 95 -17.66 3.90 5.99
C VAL C 95 -18.24 2.81 6.86
N MET C 96 -17.41 1.82 7.19
CA MET C 96 -17.86 0.69 8.00
C MET C 96 -18.38 1.16 9.36
N VAL C 97 -17.61 2.01 10.04
CA VAL C 97 -18.01 2.54 11.33
C VAL C 97 -18.51 3.98 11.26
N SER C 98 -19.05 4.38 10.12
CA SER C 98 -19.53 5.75 9.97
C SER C 98 -21.05 5.83 9.91
N ASP C 99 -21.57 7.04 10.15
CA ASP C 99 -23.00 7.28 10.13
C ASP C 99 -23.33 8.28 9.01
N LEU C 100 -22.33 9.08 8.64
CA LEU C 100 -22.48 10.10 7.62
C LEU C 100 -21.14 10.38 6.96
N VAL C 101 -21.07 10.24 5.64
CA VAL C 101 -19.82 10.47 4.93
C VAL C 101 -19.93 11.62 3.93
N ILE C 102 -19.15 12.66 4.17
CA ILE C 102 -19.11 13.83 3.31
C ILE C 102 -17.94 13.67 2.32
N ILE C 103 -18.21 13.93 1.05
CA ILE C 103 -17.21 13.77 0.00
C ILE C 103 -16.84 15.11 -0.62
N PRO C 104 -15.76 15.73 -0.14
CA PRO C 104 -15.25 17.03 -0.62
C PRO C 104 -14.60 16.97 -2.00
N VAL C 105 -15.16 17.72 -2.96
CA VAL C 105 -14.65 17.72 -4.33
C VAL C 105 -14.44 19.14 -4.84
N THR C 106 -13.38 19.35 -5.62
CA THR C 106 -13.07 20.66 -6.18
C THR C 106 -13.53 20.73 -7.63
N PRO C 107 -13.93 21.93 -8.09
CA PRO C 107 -14.38 22.13 -9.46
C PRO C 107 -13.57 21.42 -10.51
N SER C 108 -12.24 21.41 -10.34
CA SER C 108 -11.36 20.78 -11.31
C SER C 108 -11.73 19.32 -11.55
N PRO C 109 -11.77 18.90 -12.82
CA PRO C 109 -12.10 17.55 -13.28
C PRO C 109 -11.18 16.46 -12.78
N LEU C 110 -9.88 16.69 -12.89
CA LEU C 110 -8.90 15.71 -12.46
C LEU C 110 -9.14 15.27 -11.02
N ASP C 111 -9.79 16.13 -10.25
CA ASP C 111 -10.02 15.88 -8.84
C ASP C 111 -11.15 14.90 -8.55
N PHE C 112 -12.25 15.03 -9.26
CA PHE C 112 -13.43 14.18 -9.03
C PHE C 112 -13.21 12.70 -9.21
N SER C 113 -12.09 12.35 -9.85
CA SER C 113 -11.78 10.96 -10.12
C SER C 113 -12.03 10.03 -8.95
N ALA C 114 -11.53 10.38 -7.77
CA ALA C 114 -11.66 9.53 -6.59
C ALA C 114 -13.02 9.60 -5.94
N ALA C 115 -13.84 10.57 -6.35
CA ALA C 115 -15.18 10.71 -5.82
C ALA C 115 -15.92 9.37 -5.94
N GLY C 116 -16.09 8.91 -7.18
CA GLY C 116 -16.78 7.65 -7.42
C GLY C 116 -16.22 6.51 -6.60
N SER C 117 -14.92 6.52 -6.36
CA SER C 117 -14.26 5.45 -5.61
C SER C 117 -14.91 5.21 -4.26
N VAL C 118 -15.13 6.27 -3.51
CA VAL C 118 -15.77 6.15 -2.20
C VAL C 118 -17.22 5.71 -2.43
N VAL C 119 -17.89 6.40 -3.34
CA VAL C 119 -19.27 6.09 -3.67
C VAL C 119 -19.55 4.59 -3.72
N THR C 120 -18.67 3.85 -4.38
CA THR C 120 -18.87 2.43 -4.57
C THR C 120 -18.90 1.66 -3.25
N VAL C 121 -17.99 2.01 -2.35
CA VAL C 121 -17.94 1.39 -1.03
C VAL C 121 -19.24 1.57 -0.24
N LEU C 122 -19.80 2.78 -0.25
CA LEU C 122 -21.04 3.03 0.50
C LEU C 122 -22.15 2.09 0.06
N GLU C 123 -22.21 1.85 -1.24
CA GLU C 123 -23.19 0.95 -1.82
C GLU C 123 -22.93 -0.46 -1.31
N ALA C 124 -21.66 -0.77 -1.07
CA ALA C 124 -21.27 -2.08 -0.54
C ALA C 124 -21.69 -2.19 0.93
N GLN C 125 -21.73 -1.05 1.62
CA GLN C 125 -22.14 -1.01 3.02
C GLN C 125 -23.64 -1.21 3.13
N ALA C 126 -24.37 -0.84 2.09
CA ALA C 126 -25.82 -0.95 2.07
C ALA C 126 -26.34 -2.35 2.39
N TYR C 127 -25.57 -3.37 2.02
CA TYR C 127 -25.97 -4.75 2.24
C TYR C 127 -26.05 -5.11 3.73
N SER C 128 -25.53 -4.21 4.56
CA SER C 128 -25.51 -4.41 6.01
C SER C 128 -26.23 -3.27 6.70
N ARG C 129 -25.73 -2.05 6.53
CA ARG C 129 -26.36 -0.85 7.08
C ARG C 129 -26.11 0.33 6.17
N LYS C 130 -27.19 0.96 5.71
CA LYS C 130 -27.06 2.10 4.81
C LYS C 130 -26.44 3.31 5.49
N VAL C 131 -25.17 3.58 5.19
CA VAL C 131 -24.48 4.75 5.73
C VAL C 131 -24.74 5.93 4.80
N GLU C 132 -25.72 6.77 5.16
CA GLU C 132 -26.11 7.92 4.36
C GLU C 132 -24.90 8.78 4.04
N ALA C 133 -24.95 9.48 2.91
CA ALA C 133 -23.83 10.31 2.51
C ALA C 133 -24.22 11.49 1.62
N ARG C 134 -23.32 12.46 1.53
CA ARG C 134 -23.52 13.66 0.74
C ARG C 134 -22.21 14.07 0.08
N PHE C 135 -22.31 14.96 -0.89
CA PHE C 135 -21.14 15.52 -1.56
C PHE C 135 -20.94 16.94 -1.02
N LEU C 136 -19.77 17.51 -1.23
CA LEU C 136 -19.46 18.84 -0.74
C LEU C 136 -18.47 19.55 -1.64
N ILE C 137 -18.95 20.57 -2.35
CA ILE C 137 -18.10 21.34 -3.23
C ILE C 137 -17.25 22.26 -2.38
N THR C 138 -15.94 22.22 -2.60
CA THR C 138 -15.00 23.05 -1.84
C THR C 138 -14.06 23.78 -2.80
N ARG C 139 -13.37 24.79 -2.28
CA ARG C 139 -12.44 25.59 -3.09
C ARG C 139 -13.16 26.16 -4.30
N LYS C 140 -14.48 26.21 -4.20
CA LYS C 140 -15.32 26.70 -5.27
C LYS C 140 -14.98 28.10 -5.71
N ILE C 141 -14.70 28.25 -7.01
CA ILE C 141 -14.42 29.55 -7.60
C ILE C 141 -15.50 29.78 -8.66
N GLU C 142 -15.42 30.90 -9.37
CA GLU C 142 -16.42 31.17 -10.38
C GLU C 142 -16.02 30.79 -11.79
N MET C 143 -16.60 29.67 -12.24
CA MET C 143 -16.37 29.15 -13.58
C MET C 143 -17.59 28.31 -13.94
N ALA C 144 -18.71 28.96 -14.24
CA ALA C 144 -19.95 28.25 -14.55
C ALA C 144 -19.72 27.10 -15.50
N THR C 145 -18.88 27.33 -16.50
CA THR C 145 -18.56 26.30 -17.48
C THR C 145 -18.04 25.04 -16.78
N MET C 146 -17.18 25.24 -15.79
CA MET C 146 -16.61 24.15 -15.00
C MET C 146 -17.58 23.65 -13.93
N LEU C 147 -18.19 24.57 -13.19
CA LEU C 147 -19.13 24.24 -12.12
C LEU C 147 -20.32 23.45 -12.64
N ASN C 148 -20.75 23.75 -13.86
CA ASN C 148 -21.84 23.03 -14.48
C ASN C 148 -21.41 21.58 -14.68
N VAL C 149 -20.13 21.39 -14.99
CA VAL C 149 -19.55 20.06 -15.18
C VAL C 149 -19.66 19.25 -13.88
N LEU C 150 -18.99 19.70 -12.82
CA LEU C 150 -19.03 19.01 -11.52
C LEU C 150 -20.48 18.83 -11.07
N LYS C 151 -21.25 19.92 -11.13
CA LYS C 151 -22.65 19.92 -10.76
C LYS C 151 -23.39 18.71 -11.34
N GLU C 152 -22.92 18.24 -12.51
CA GLU C 152 -23.53 17.08 -13.17
C GLU C 152 -22.71 15.80 -13.00
N SER C 153 -21.41 15.94 -12.70
CA SER C 153 -20.57 14.77 -12.46
C SER C 153 -21.05 14.14 -11.15
N ILE C 154 -21.65 14.96 -10.30
CA ILE C 154 -22.18 14.51 -9.01
C ILE C 154 -23.57 13.94 -9.24
N LYS C 155 -24.25 14.43 -10.28
CA LYS C 155 -25.57 13.93 -10.59
C LYS C 155 -25.49 12.51 -11.13
N ASP C 156 -24.34 12.18 -11.73
CA ASP C 156 -24.14 10.85 -12.29
C ASP C 156 -23.78 9.82 -11.20
N THR C 157 -24.14 10.13 -9.95
CA THR C 157 -23.87 9.22 -8.84
C THR C 157 -25.13 8.90 -8.03
N GLY C 158 -26.12 9.79 -8.08
CA GLY C 158 -27.36 9.56 -7.37
C GLY C 158 -27.36 10.07 -5.95
N VAL C 159 -26.18 10.32 -5.42
CA VAL C 159 -26.04 10.83 -4.06
C VAL C 159 -26.23 12.36 -4.08
N LYS C 160 -26.79 12.90 -3.00
CA LYS C 160 -27.03 14.34 -2.92
C LYS C 160 -25.75 15.12 -2.64
N ALA C 161 -25.84 16.44 -2.75
CA ALA C 161 -24.70 17.32 -2.50
C ALA C 161 -25.15 18.47 -1.62
N PHE C 162 -24.19 19.23 -1.08
CA PHE C 162 -24.52 20.34 -0.22
C PHE C 162 -24.82 21.61 -0.97
N ARG C 163 -26.04 22.10 -0.78
CA ARG C 163 -26.49 23.34 -1.40
C ARG C 163 -25.47 24.46 -1.13
N THR C 164 -24.74 24.33 -0.02
CA THR C 164 -23.74 25.33 0.34
C THR C 164 -22.35 24.84 -0.02
N ALA C 165 -21.63 25.64 -0.79
CA ALA C 165 -20.29 25.30 -1.21
C ALA C 165 -19.25 26.10 -0.44
N ILE C 166 -18.08 25.50 -0.25
CA ILE C 166 -16.97 26.18 0.40
C ILE C 166 -16.26 26.96 -0.70
N THR C 167 -15.97 28.22 -0.44
CA THR C 167 -15.31 29.03 -1.44
C THR C 167 -13.81 29.05 -1.29
N GLN C 168 -13.14 29.20 -2.43
CA GLN C 168 -11.70 29.39 -2.42
C GLN C 168 -11.50 30.81 -1.85
N ARG C 169 -11.41 30.88 -0.53
CA ARG C 169 -11.17 32.14 0.17
C ARG C 169 -9.76 32.06 0.73
N GLN C 170 -8.98 33.10 0.50
CA GLN C 170 -7.61 33.12 0.94
C GLN C 170 -7.51 33.01 2.44
N VAL C 171 -8.60 33.40 3.13
CA VAL C 171 -8.63 33.36 4.59
C VAL C 171 -8.56 31.94 5.15
N TYR C 172 -8.91 30.94 4.34
CA TYR C 172 -8.84 29.56 4.79
C TYR C 172 -7.39 29.11 4.87
N VAL C 173 -6.54 29.76 4.09
CA VAL C 173 -5.13 29.40 4.01
C VAL C 173 -4.30 30.07 5.08
N LYS C 174 -4.62 31.33 5.35
CA LYS C 174 -3.88 32.10 6.34
C LYS C 174 -4.29 31.73 7.75
N SER C 175 -5.57 31.38 7.91
CA SER C 175 -6.08 31.01 9.24
C SER C 175 -5.37 29.76 9.76
N ILE C 176 -5.34 28.71 8.95
CA ILE C 176 -4.69 27.46 9.32
C ILE C 176 -3.20 27.72 9.57
N LEU C 177 -2.65 28.69 8.86
CA LEU C 177 -1.24 29.03 8.97
C LEU C 177 -0.82 29.51 10.35
N ASP C 178 -1.76 30.13 11.07
CA ASP C 178 -1.48 30.63 12.42
C ASP C 178 -1.87 29.60 13.48
N GLY C 179 -2.57 28.55 13.04
CA GLY C 179 -2.97 27.48 13.94
C GLY C 179 -4.40 27.60 14.41
N ASP C 180 -5.23 28.26 13.60
CA ASP C 180 -6.64 28.45 13.95
C ASP C 180 -7.55 28.44 12.73
N SER C 181 -8.86 28.36 12.98
CA SER C 181 -9.85 28.31 11.93
C SER C 181 -10.15 29.70 11.37
N VAL C 182 -11.21 29.80 10.57
CA VAL C 182 -11.59 31.07 9.94
C VAL C 182 -12.47 31.89 10.86
N PHE C 183 -12.83 31.30 12.00
CA PHE C 183 -13.67 31.98 13.00
C PHE C 183 -12.86 32.97 13.82
N GLU C 184 -11.54 32.81 13.83
CA GLU C 184 -10.66 33.72 14.54
C GLU C 184 -10.16 34.78 13.57
N SER C 185 -11.08 35.28 12.74
CA SER C 185 -10.75 36.30 11.75
C SER C 185 -11.96 37.18 11.47
N SER C 186 -11.70 38.36 10.92
CA SER C 186 -12.76 39.32 10.64
C SER C 186 -13.56 38.92 9.41
N ASP C 187 -12.94 38.13 8.54
CA ASP C 187 -13.59 37.68 7.30
C ASP C 187 -14.92 37.01 7.64
N GLY C 188 -16.02 37.62 7.19
CA GLY C 188 -17.35 37.10 7.48
C GLY C 188 -17.98 36.38 6.32
N ALA C 189 -17.41 36.55 5.14
CA ALA C 189 -17.90 35.85 3.95
C ALA C 189 -17.63 34.36 4.15
N ALA C 190 -16.46 34.04 4.69
CA ALA C 190 -16.08 32.68 4.97
C ALA C 190 -16.84 32.14 6.18
N LYS C 191 -16.68 32.78 7.34
CA LYS C 191 -17.36 32.36 8.55
C LYS C 191 -18.83 32.01 8.29
N GLY C 192 -19.43 32.71 7.34
CA GLY C 192 -20.81 32.48 7.02
C GLY C 192 -21.08 31.12 6.43
N GLU C 193 -20.54 30.89 5.23
CA GLU C 193 -20.75 29.61 4.53
C GLU C 193 -20.50 28.38 5.38
N ILE C 194 -19.45 28.41 6.20
CA ILE C 194 -19.16 27.27 7.06
C ILE C 194 -20.32 27.00 8.01
N GLU C 195 -20.90 28.06 8.57
CA GLU C 195 -22.00 27.93 9.50
C GLU C 195 -23.31 27.56 8.81
N ILE C 196 -23.50 28.07 7.62
CA ILE C 196 -24.71 27.79 6.84
C ILE C 196 -24.64 26.33 6.38
N LEU C 197 -23.41 25.82 6.29
CA LEU C 197 -23.16 24.44 5.88
C LEU C 197 -23.35 23.52 7.08
N THR C 198 -22.79 23.93 8.22
CA THR C 198 -22.89 23.12 9.45
C THR C 198 -24.36 22.98 9.84
N LYS C 199 -25.16 23.98 9.51
CA LYS C 199 -26.59 23.94 9.81
C LYS C 199 -27.24 22.78 9.07
N GLU C 200 -26.86 22.59 7.80
CA GLU C 200 -27.40 21.49 7.00
C GLU C 200 -26.98 20.15 7.59
N ILE C 201 -25.69 20.03 7.91
CA ILE C 201 -25.14 18.78 8.44
C ILE C 201 -25.91 18.29 9.66
N VAL C 202 -26.41 19.22 10.46
CA VAL C 202 -27.16 18.88 11.66
C VAL C 202 -28.62 18.58 11.31
N ARG C 203 -29.11 19.21 10.24
CA ARG C 203 -30.48 18.98 9.77
C ARG C 203 -30.71 17.51 9.41
N ILE C 204 -29.62 16.80 9.13
CA ILE C 204 -29.70 15.39 8.77
C ILE C 204 -30.23 14.59 9.95
N PHE C 205 -29.42 14.52 11.01
CA PHE C 205 -29.76 13.78 12.21
C PHE C 205 -31.08 14.26 12.82
N GLU C 206 -31.41 15.52 12.58
CA GLU C 206 -32.62 16.12 13.13
C GLU C 206 -33.87 15.36 12.73
N ALA C 207 -33.92 14.92 11.48
CA ALA C 207 -35.08 14.20 10.98
C ALA C 207 -35.33 12.87 11.69
N THR C 208 -34.26 12.22 12.14
CA THR C 208 -34.39 10.91 12.73
C THR C 208 -34.78 10.80 14.19
N HIS C 209 -34.05 11.50 15.06
CA HIS C 209 -34.29 11.41 16.51
C HIS C 209 -35.72 11.61 16.97
N HIS C 210 -36.52 12.23 16.10
CA HIS C 210 -37.95 12.31 16.37
C HIS C 210 -38.54 10.94 15.91
N MET D 1 -27.89 -17.39 -2.63
CA MET D 1 -26.41 -17.38 -2.76
C MET D 1 -25.76 -16.99 -1.43
N LYS D 2 -24.53 -17.47 -1.22
CA LYS D 2 -23.80 -17.19 0.01
C LYS D 2 -22.32 -17.00 -0.32
N VAL D 3 -21.63 -16.20 0.47
CA VAL D 3 -20.22 -15.93 0.20
C VAL D 3 -19.28 -16.40 1.32
N ILE D 4 -18.30 -17.21 0.95
CA ILE D 4 -17.29 -17.72 1.87
C ILE D 4 -15.95 -17.07 1.49
N SER D 5 -15.22 -16.57 2.48
CA SER D 5 -13.95 -15.89 2.22
C SER D 5 -12.82 -16.47 3.06
N PHE D 6 -11.65 -16.61 2.44
CA PHE D 6 -10.46 -17.14 3.10
C PHE D 6 -9.39 -16.05 3.20
N LEU D 7 -9.33 -15.37 4.33
CA LEU D 7 -8.37 -14.29 4.48
C LEU D 7 -7.37 -14.42 5.61
N ASN D 8 -6.13 -14.04 5.30
CA ASN D 8 -5.05 -14.00 6.25
C ASN D 8 -3.86 -13.43 5.52
N PRO D 9 -3.42 -12.24 5.91
CA PRO D 9 -2.27 -11.60 5.26
C PRO D 9 -1.01 -12.48 5.14
N LYS D 10 -0.84 -13.47 6.03
CA LYS D 10 0.37 -14.32 6.04
C LYS D 10 0.41 -15.29 4.87
N GLY D 11 1.49 -15.24 4.09
CA GLY D 11 1.59 -16.06 2.88
C GLY D 11 1.89 -17.54 2.97
N GLY D 12 2.21 -18.03 4.16
CA GLY D 12 2.48 -19.44 4.30
C GLY D 12 1.30 -20.23 4.85
N SER D 13 0.16 -19.56 4.97
CA SER D 13 -1.02 -20.16 5.59
C SER D 13 -1.90 -21.03 4.74
N GLY D 14 -1.58 -21.11 3.44
CA GLY D 14 -2.34 -21.97 2.56
C GLY D 14 -3.78 -21.58 2.34
N LYS D 15 -3.97 -20.34 1.88
CA LYS D 15 -5.29 -19.82 1.57
C LYS D 15 -5.70 -20.28 0.17
N THR D 16 -4.77 -20.16 -0.76
CA THR D 16 -5.00 -20.56 -2.13
C THR D 16 -5.18 -22.07 -2.27
N THR D 17 -4.31 -22.83 -1.61
CA THR D 17 -4.36 -24.29 -1.69
C THR D 17 -5.62 -24.88 -1.04
N ALA D 18 -6.10 -24.23 0.01
CA ALA D 18 -7.30 -24.72 0.69
C ALA D 18 -8.51 -24.60 -0.22
N VAL D 19 -8.74 -23.39 -0.74
CA VAL D 19 -9.86 -23.09 -1.61
C VAL D 19 -10.01 -24.10 -2.73
N ILE D 20 -8.91 -24.35 -3.44
CA ILE D 20 -8.94 -25.26 -4.56
C ILE D 20 -9.56 -26.61 -4.18
N ASN D 21 -9.15 -27.15 -3.04
CA ASN D 21 -9.63 -28.46 -2.60
C ASN D 21 -10.99 -28.48 -1.94
N ILE D 22 -11.39 -27.37 -1.34
CA ILE D 22 -12.69 -27.29 -0.67
C ILE D 22 -13.80 -26.96 -1.66
N ALA D 23 -13.49 -26.03 -2.56
CA ALA D 23 -14.44 -25.61 -3.60
C ALA D 23 -14.66 -26.78 -4.57
N THR D 24 -13.58 -27.52 -4.85
CA THR D 24 -13.66 -28.69 -5.72
C THR D 24 -14.57 -29.69 -5.04
N ALA D 25 -14.42 -29.85 -3.73
CA ALA D 25 -15.23 -30.77 -2.96
C ALA D 25 -16.67 -30.28 -2.87
N LEU D 26 -16.85 -28.97 -2.98
CA LEU D 26 -18.19 -28.37 -2.90
C LEU D 26 -18.98 -28.56 -4.18
N SER D 27 -18.28 -28.69 -5.30
CA SER D 27 -18.95 -28.88 -6.56
C SER D 27 -19.42 -30.31 -6.75
N ARG D 28 -18.60 -31.25 -6.30
CA ARG D 28 -18.92 -32.67 -6.42
C ARG D 28 -20.20 -33.05 -5.70
N SER D 29 -20.65 -32.21 -4.76
CA SER D 29 -21.87 -32.50 -4.01
C SER D 29 -23.12 -31.90 -4.65
N GLY D 30 -22.99 -31.43 -5.89
CA GLY D 30 -24.11 -30.89 -6.62
C GLY D 30 -24.23 -29.37 -6.59
N TYR D 31 -23.34 -28.72 -5.86
CA TYR D 31 -23.38 -27.26 -5.77
C TYR D 31 -22.66 -26.61 -6.95
N ASN D 32 -23.18 -25.46 -7.37
CA ASN D 32 -22.52 -24.65 -8.41
C ASN D 32 -21.65 -23.59 -7.66
N ILE D 33 -20.33 -23.73 -7.75
CA ILE D 33 -19.45 -22.80 -7.06
C ILE D 33 -18.58 -21.95 -7.97
N ALA D 34 -18.36 -20.71 -7.54
CA ALA D 34 -17.54 -19.75 -8.27
C ALA D 34 -16.53 -19.16 -7.30
N VAL D 35 -15.29 -18.99 -7.75
CA VAL D 35 -14.23 -18.44 -6.90
C VAL D 35 -13.57 -17.23 -7.52
N VAL D 36 -13.31 -16.21 -6.69
CA VAL D 36 -12.69 -14.97 -7.14
C VAL D 36 -11.24 -14.89 -6.66
N ASP D 37 -10.34 -14.62 -7.60
CA ASP D 37 -8.91 -14.54 -7.31
C ASP D 37 -8.51 -13.08 -7.13
N THR D 38 -8.09 -12.71 -5.92
CA THR D 38 -7.73 -11.32 -5.63
C THR D 38 -6.23 -11.08 -5.53
N ASP D 39 -5.46 -12.15 -5.53
CA ASP D 39 -4.01 -12.01 -5.46
C ASP D 39 -3.52 -11.31 -6.72
N PRO D 40 -2.73 -10.24 -6.57
CA PRO D 40 -2.18 -9.47 -7.69
C PRO D 40 -1.27 -10.31 -8.59
N GLN D 41 -0.94 -11.51 -8.12
CA GLN D 41 -0.07 -12.45 -8.85
C GLN D 41 -0.93 -13.48 -9.57
N MET D 42 -2.20 -13.55 -9.17
CA MET D 42 -3.18 -14.43 -9.81
C MET D 42 -2.70 -15.86 -9.85
N SER D 43 -2.80 -16.54 -8.72
CA SER D 43 -2.35 -17.92 -8.61
C SER D 43 -3.48 -18.88 -8.89
N LEU D 44 -4.56 -18.78 -8.11
CA LEU D 44 -5.72 -19.65 -8.30
C LEU D 44 -6.23 -19.52 -9.74
N THR D 45 -5.83 -18.45 -10.42
CA THR D 45 -6.23 -18.22 -11.81
C THR D 45 -5.27 -18.86 -12.82
N ASN D 46 -3.98 -18.85 -12.52
CA ASN D 46 -2.97 -19.49 -13.39
C ASN D 46 -3.09 -21.02 -13.30
N TRP D 47 -3.26 -21.51 -12.08
CA TRP D 47 -3.42 -22.93 -11.83
C TRP D 47 -4.60 -23.45 -12.65
N SER D 48 -5.73 -22.75 -12.59
CA SER D 48 -6.95 -23.14 -13.31
C SER D 48 -6.84 -23.05 -14.82
N LYS D 49 -5.71 -22.53 -15.33
CA LYS D 49 -5.47 -22.46 -16.76
C LYS D 49 -5.12 -23.86 -17.26
N ALA D 50 -5.34 -24.82 -16.38
CA ALA D 50 -5.09 -26.24 -16.66
C ALA D 50 -6.40 -26.99 -16.97
N GLY D 51 -7.48 -26.25 -17.20
CA GLY D 51 -8.76 -26.90 -17.48
C GLY D 51 -9.39 -27.54 -16.26
N LYS D 52 -8.72 -28.54 -15.72
CA LYS D 52 -9.20 -29.25 -14.54
C LYS D 52 -9.59 -28.27 -13.44
N ALA D 53 -10.90 -28.16 -13.21
CA ALA D 53 -11.45 -27.28 -12.19
C ALA D 53 -12.95 -27.53 -12.12
N ALA D 54 -13.41 -28.01 -10.97
CA ALA D 54 -14.82 -28.28 -10.81
C ALA D 54 -15.60 -27.02 -10.49
N PHE D 55 -14.88 -25.90 -10.33
CA PHE D 55 -15.52 -24.62 -10.05
C PHE D 55 -15.24 -23.59 -11.14
N ASP D 56 -15.87 -22.42 -11.04
CA ASP D 56 -15.69 -21.35 -12.01
C ASP D 56 -14.67 -20.35 -11.46
N VAL D 57 -13.80 -19.86 -12.34
CA VAL D 57 -12.78 -18.90 -11.93
C VAL D 57 -13.06 -17.51 -12.46
N PHE D 58 -12.98 -16.54 -11.55
CA PHE D 58 -13.19 -15.12 -11.87
C PHE D 58 -12.05 -14.34 -11.24
N THR D 59 -11.24 -13.67 -12.06
CA THR D 59 -10.11 -12.90 -11.52
C THR D 59 -10.56 -11.51 -11.06
N ALA D 60 -9.77 -10.89 -10.20
CA ALA D 60 -10.08 -9.56 -9.68
C ALA D 60 -9.09 -8.52 -10.16
N ALA D 61 -9.60 -7.49 -10.83
CA ALA D 61 -8.76 -6.42 -11.35
C ALA D 61 -8.56 -5.35 -10.29
N SER D 62 -9.33 -5.47 -9.20
CA SER D 62 -9.27 -4.55 -8.08
C SER D 62 -10.38 -4.89 -7.10
N GLU D 63 -10.39 -4.19 -5.96
CA GLU D 63 -11.40 -4.40 -4.93
C GLU D 63 -12.81 -4.02 -5.41
N LYS D 64 -12.86 -3.21 -6.46
CA LYS D 64 -14.14 -2.82 -7.05
C LYS D 64 -14.86 -4.05 -7.61
N ASP D 65 -14.10 -5.09 -7.92
CA ASP D 65 -14.65 -6.33 -8.47
C ASP D 65 -15.03 -7.31 -7.36
N VAL D 66 -14.48 -7.10 -6.16
CA VAL D 66 -14.80 -7.95 -5.03
C VAL D 66 -16.08 -7.45 -4.35
N TYR D 67 -16.38 -6.17 -4.55
CA TYR D 67 -17.56 -5.58 -3.94
C TYR D 67 -18.88 -5.96 -4.59
N GLY D 68 -18.96 -5.77 -5.91
CA GLY D 68 -20.17 -6.11 -6.64
C GLY D 68 -20.33 -7.60 -6.93
N ILE D 69 -20.19 -8.42 -5.89
CA ILE D 69 -20.30 -9.87 -6.05
C ILE D 69 -21.74 -10.36 -6.28
N ARG D 70 -22.62 -10.05 -5.33
CA ARG D 70 -24.01 -10.49 -5.41
C ARG D 70 -24.74 -9.92 -6.61
N LYS D 71 -24.14 -8.95 -7.27
CA LYS D 71 -24.77 -8.36 -8.45
C LYS D 71 -24.40 -9.17 -9.70
N ASP D 72 -23.31 -9.93 -9.61
CA ASP D 72 -22.82 -10.73 -10.72
C ASP D 72 -22.92 -12.23 -10.46
N LEU D 73 -22.16 -12.71 -9.48
CA LEU D 73 -22.14 -14.14 -9.13
C LEU D 73 -23.34 -14.54 -8.29
N ALA D 74 -24.47 -13.93 -8.55
CA ALA D 74 -25.69 -14.20 -7.81
C ALA D 74 -26.34 -15.52 -8.18
N ASP D 75 -25.92 -16.09 -9.31
CA ASP D 75 -26.51 -17.35 -9.78
C ASP D 75 -25.86 -18.58 -9.20
N TYR D 76 -24.69 -18.43 -8.60
CA TYR D 76 -24.00 -19.57 -8.00
C TYR D 76 -24.48 -19.86 -6.58
N ASP D 77 -24.47 -21.13 -6.20
CA ASP D 77 -24.84 -21.52 -4.84
C ASP D 77 -23.77 -21.02 -3.88
N PHE D 78 -22.59 -20.70 -4.40
CA PHE D 78 -21.50 -20.21 -3.56
C PHE D 78 -20.51 -19.35 -4.32
N ALA D 79 -19.90 -18.42 -3.60
CA ALA D 79 -18.88 -17.54 -4.16
C ALA D 79 -17.75 -17.52 -3.12
N ILE D 80 -16.55 -17.89 -3.54
CA ILE D 80 -15.42 -17.99 -2.62
C ILE D 80 -14.26 -17.14 -3.07
N VAL D 81 -13.68 -16.42 -2.12
CA VAL D 81 -12.59 -15.52 -2.43
C VAL D 81 -11.26 -16.00 -1.95
N ASP D 82 -10.32 -16.18 -2.87
CA ASP D 82 -8.95 -16.52 -2.51
C ASP D 82 -8.38 -15.22 -1.93
N GLY D 83 -8.02 -15.26 -0.65
CA GLY D 83 -7.53 -14.08 0.01
C GLY D 83 -6.32 -13.47 -0.62
N ALA D 84 -6.02 -12.23 -0.25
CA ALA D 84 -4.83 -11.55 -0.75
C ALA D 84 -3.75 -11.74 0.32
N GLY D 85 -2.59 -12.26 -0.11
CA GLY D 85 -1.48 -12.48 0.82
C GLY D 85 -0.73 -11.21 1.13
N SER D 86 -1.47 -10.13 1.32
CA SER D 86 -0.90 -8.84 1.63
C SER D 86 -1.88 -8.07 2.51
N LEU D 87 -1.33 -7.25 3.43
CA LEU D 87 -2.20 -6.38 4.23
C LEU D 87 -2.74 -5.35 3.21
N SER D 88 -4.04 -5.35 3.00
CA SER D 88 -4.64 -4.45 2.02
C SER D 88 -6.11 -4.20 2.21
N VAL D 89 -6.67 -3.45 1.26
CA VAL D 89 -8.09 -3.11 1.26
C VAL D 89 -8.93 -4.36 1.04
N ILE D 90 -8.31 -5.38 0.45
CA ILE D 90 -9.00 -6.64 0.16
C ILE D 90 -9.75 -7.17 1.38
N THR D 91 -9.00 -7.48 2.44
CA THR D 91 -9.61 -8.00 3.67
C THR D 91 -10.82 -7.16 4.08
N SER D 92 -10.67 -5.84 3.99
CA SER D 92 -11.75 -4.93 4.36
C SER D 92 -12.96 -5.09 3.45
N ALA D 93 -12.70 -5.26 2.16
CA ALA D 93 -13.75 -5.39 1.17
C ALA D 93 -14.52 -6.70 1.33
N ALA D 94 -13.78 -7.78 1.57
CA ALA D 94 -14.35 -9.11 1.68
C ALA D 94 -15.35 -9.27 2.82
N VAL D 95 -14.90 -9.01 4.04
CA VAL D 95 -15.75 -9.17 5.21
C VAL D 95 -17.06 -8.40 5.06
N MET D 96 -16.99 -7.28 4.34
CA MET D 96 -18.16 -6.42 4.16
C MET D 96 -19.26 -7.07 3.33
N VAL D 97 -18.87 -8.06 2.53
CA VAL D 97 -19.79 -8.77 1.67
C VAL D 97 -19.74 -10.30 1.83
N SER D 98 -19.57 -10.77 3.06
CA SER D 98 -19.50 -12.20 3.30
C SER D 98 -20.61 -12.71 4.22
N ASP D 99 -20.75 -14.03 4.27
CA ASP D 99 -21.69 -14.69 5.17
C ASP D 99 -20.86 -15.63 6.06
N LEU D 100 -19.60 -15.81 5.71
CA LEU D 100 -18.68 -16.66 6.45
C LEU D 100 -17.25 -16.27 6.12
N VAL D 101 -16.40 -16.19 7.14
CA VAL D 101 -15.00 -15.85 6.94
C VAL D 101 -14.12 -16.90 7.61
N ILE D 102 -13.43 -17.67 6.78
CA ILE D 102 -12.52 -18.72 7.23
C ILE D 102 -11.09 -18.14 7.27
N ILE D 103 -10.38 -18.43 8.35
CA ILE D 103 -9.04 -17.91 8.55
C ILE D 103 -7.98 -18.96 8.70
N PRO D 104 -7.23 -19.24 7.63
CA PRO D 104 -6.17 -20.25 7.69
C PRO D 104 -4.98 -19.78 8.54
N VAL D 105 -4.48 -20.68 9.37
CA VAL D 105 -3.34 -20.45 10.25
C VAL D 105 -2.52 -21.74 10.31
N THR D 106 -1.21 -21.62 10.44
CA THR D 106 -0.36 -22.81 10.48
C THR D 106 0.23 -22.99 11.86
N PRO D 107 0.81 -24.18 12.14
CA PRO D 107 1.41 -24.46 13.44
C PRO D 107 2.43 -23.39 13.82
N SER D 108 3.40 -23.13 12.93
CA SER D 108 4.44 -22.12 13.17
C SER D 108 3.76 -20.90 13.79
N PRO D 109 4.27 -20.47 14.96
CA PRO D 109 3.80 -19.30 15.72
C PRO D 109 3.73 -17.98 15.05
N LEU D 110 4.86 -17.61 14.47
CA LEU D 110 4.99 -16.34 13.76
C LEU D 110 4.11 -16.29 12.50
N ASP D 111 3.42 -17.39 12.24
CA ASP D 111 2.50 -17.47 11.11
C ASP D 111 1.08 -17.03 11.56
N PHE D 112 0.90 -16.79 12.85
CA PHE D 112 -0.40 -16.39 13.39
C PHE D 112 -0.51 -14.88 13.52
N SER D 113 0.60 -14.18 13.37
CA SER D 113 0.59 -12.75 13.50
C SER D 113 -0.67 -11.99 12.99
N ALA D 114 -0.92 -12.08 11.68
CA ALA D 114 -1.98 -11.32 11.01
C ALA D 114 -3.33 -11.88 11.21
N ALA D 115 -3.34 -13.03 11.87
CA ALA D 115 -4.59 -13.67 12.23
C ALA D 115 -5.35 -12.57 13.00
N GLY D 116 -4.61 -11.67 13.64
CA GLY D 116 -5.23 -10.61 14.41
C GLY D 116 -5.93 -9.52 13.63
N SER D 117 -5.19 -8.85 12.75
CA SER D 117 -5.76 -7.73 11.99
C SER D 117 -7.08 -8.07 11.34
N VAL D 118 -7.23 -9.34 10.99
CA VAL D 118 -8.45 -9.83 10.35
C VAL D 118 -9.60 -9.93 11.32
N VAL D 119 -9.34 -10.58 12.45
CA VAL D 119 -10.35 -10.79 13.50
C VAL D 119 -10.92 -9.45 13.99
N THR D 120 -10.16 -8.37 13.83
CA THR D 120 -10.61 -7.05 14.28
C THR D 120 -11.37 -6.30 13.19
N VAL D 121 -11.35 -6.83 11.97
CA VAL D 121 -12.12 -6.24 10.87
C VAL D 121 -13.56 -6.78 10.97
N LEU D 122 -13.68 -8.01 11.50
CA LEU D 122 -14.99 -8.64 11.70
C LEU D 122 -15.67 -7.92 12.86
N GLU D 123 -14.92 -7.75 13.95
CA GLU D 123 -15.44 -7.08 15.14
C GLU D 123 -16.04 -5.73 14.76
N ALA D 124 -15.59 -5.17 13.64
CA ALA D 124 -16.11 -3.91 13.15
C ALA D 124 -17.46 -4.11 12.45
N GLN D 125 -17.52 -5.10 11.57
CA GLN D 125 -18.71 -5.42 10.79
C GLN D 125 -19.90 -5.84 11.64
N ALA D 126 -19.63 -6.26 12.88
CA ALA D 126 -20.71 -6.66 13.77
C ALA D 126 -21.71 -5.54 13.99
N TYR D 127 -21.30 -4.33 13.66
CA TYR D 127 -22.10 -3.14 13.90
C TYR D 127 -23.20 -2.92 12.88
N SER D 128 -22.98 -3.50 11.70
CA SER D 128 -23.90 -3.42 10.59
C SER D 128 -24.56 -4.79 10.38
N ARG D 129 -23.71 -5.80 10.24
CA ARG D 129 -24.19 -7.16 9.95
C ARG D 129 -23.12 -8.16 10.39
N LYS D 130 -23.37 -8.81 11.53
CA LYS D 130 -22.39 -9.76 12.05
C LYS D 130 -22.08 -10.88 11.07
N VAL D 131 -20.80 -11.03 10.73
CA VAL D 131 -20.37 -12.06 9.81
C VAL D 131 -19.77 -13.24 10.56
N GLU D 132 -20.35 -14.42 10.35
CA GLU D 132 -19.89 -15.65 11.00
C GLU D 132 -18.38 -15.82 10.75
N ALA D 133 -17.67 -16.34 11.75
CA ALA D 133 -16.23 -16.53 11.64
C ALA D 133 -15.74 -17.83 12.24
N ARG D 134 -14.74 -18.43 11.62
CA ARG D 134 -14.18 -19.68 12.07
C ARG D 134 -12.71 -19.77 11.67
N PHE D 135 -11.89 -20.35 12.54
CA PHE D 135 -10.47 -20.51 12.26
C PHE D 135 -10.21 -21.90 11.68
N LEU D 136 -9.46 -21.94 10.59
CA LEU D 136 -9.15 -23.19 9.92
C LEU D 136 -7.67 -23.53 10.04
N ILE D 137 -7.38 -24.54 10.85
CA ILE D 137 -6.00 -24.98 11.03
C ILE D 137 -5.57 -25.74 9.79
N THR D 138 -4.49 -25.30 9.16
CA THR D 138 -4.01 -25.95 7.95
C THR D 138 -2.53 -26.29 8.07
N ARG D 139 -2.10 -27.28 7.28
CA ARG D 139 -0.72 -27.72 7.29
C ARG D 139 -0.34 -28.31 8.63
N LYS D 140 -1.36 -28.72 9.38
CA LYS D 140 -1.15 -29.31 10.68
C LYS D 140 -0.07 -30.38 10.68
N ILE D 141 0.59 -30.51 11.82
CA ILE D 141 1.61 -31.52 12.04
C ILE D 141 1.45 -31.97 13.49
N GLU D 142 1.84 -33.20 13.81
CA GLU D 142 1.71 -33.68 15.17
C GLU D 142 2.80 -33.12 16.07
N MET D 143 2.70 -31.83 16.39
CA MET D 143 3.66 -31.17 17.28
C MET D 143 2.91 -30.62 18.49
N ALA D 144 2.63 -31.48 19.46
CA ALA D 144 1.90 -31.08 20.66
C ALA D 144 2.35 -29.74 21.20
N THR D 145 3.63 -29.61 21.51
CA THR D 145 4.17 -28.37 22.04
C THR D 145 3.78 -27.18 21.17
N MET D 146 3.86 -27.36 19.86
CA MET D 146 3.54 -26.30 18.92
C MET D 146 2.06 -26.06 18.70
N LEU D 147 1.25 -27.11 18.86
CA LEU D 147 -0.19 -27.02 18.63
C LEU D 147 -0.95 -26.46 19.81
N ASN D 148 -0.35 -26.55 20.99
CA ASN D 148 -0.98 -25.99 22.18
C ASN D 148 -0.83 -24.47 22.09
N VAL D 149 0.28 -24.04 21.51
CA VAL D 149 0.56 -22.63 21.30
C VAL D 149 -0.43 -22.04 20.28
N LEU D 150 -0.75 -22.81 19.25
CA LEU D 150 -1.70 -22.39 18.24
C LEU D 150 -3.13 -22.56 18.74
N LYS D 151 -3.34 -23.59 19.56
CA LYS D 151 -4.66 -23.86 20.13
C LYS D 151 -5.08 -22.65 20.98
N GLU D 152 -4.10 -22.05 21.65
CA GLU D 152 -4.35 -20.91 22.51
C GLU D 152 -4.45 -19.61 21.72
N SER D 153 -3.65 -19.49 20.65
CA SER D 153 -3.67 -18.30 19.82
C SER D 153 -5.09 -18.05 19.32
N ILE D 154 -5.85 -19.13 19.20
CA ILE D 154 -7.22 -19.04 18.73
C ILE D 154 -8.17 -18.66 19.88
N LYS D 155 -8.18 -19.47 20.92
CA LYS D 155 -9.01 -19.25 22.09
C LYS D 155 -9.24 -17.77 22.44
N ASP D 156 -8.16 -17.05 22.65
CA ASP D 156 -8.22 -15.64 23.04
C ASP D 156 -9.18 -14.82 22.19
N THR D 157 -9.01 -14.91 20.86
CA THR D 157 -9.83 -14.15 19.92
C THR D 157 -11.32 -14.42 20.15
N GLY D 158 -11.60 -15.56 20.76
CA GLY D 158 -12.97 -15.93 21.08
C GLY D 158 -13.81 -16.29 19.90
N VAL D 159 -13.24 -17.09 19.02
CA VAL D 159 -13.95 -17.55 17.82
C VAL D 159 -13.76 -19.06 17.70
N LYS D 160 -14.82 -19.76 17.28
CA LYS D 160 -14.73 -21.22 17.13
C LYS D 160 -13.78 -21.59 16.01
N ALA D 161 -13.32 -22.83 16.02
CA ALA D 161 -12.42 -23.32 14.98
C ALA D 161 -13.07 -24.47 14.22
N PHE D 162 -12.25 -25.39 13.73
CA PHE D 162 -12.75 -26.55 13.01
C PHE D 162 -12.06 -27.80 13.55
N ARG D 163 -12.86 -28.76 13.99
CA ARG D 163 -12.34 -30.00 14.55
C ARG D 163 -11.60 -30.82 13.49
N THR D 164 -11.55 -30.30 12.26
CA THR D 164 -10.91 -30.99 11.16
C THR D 164 -9.83 -30.15 10.50
N ALA D 165 -8.63 -30.21 11.07
CA ALA D 165 -7.51 -29.45 10.53
C ALA D 165 -6.99 -30.11 9.26
N ILE D 166 -6.65 -29.28 8.28
CA ILE D 166 -6.05 -29.76 7.04
C ILE D 166 -4.60 -30.15 7.39
N THR D 167 -4.25 -31.41 7.12
CA THR D 167 -2.92 -31.88 7.45
C THR D 167 -1.92 -31.49 6.38
N GLN D 168 -0.64 -31.61 6.71
CA GLN D 168 0.40 -31.34 5.74
C GLN D 168 0.76 -32.64 5.02
N ARG D 169 0.49 -32.67 3.71
CA ARG D 169 0.82 -33.81 2.89
C ARG D 169 1.46 -33.33 1.60
N GLN D 170 2.25 -34.18 0.97
CA GLN D 170 2.90 -33.83 -0.28
C GLN D 170 1.90 -33.77 -1.42
N VAL D 171 0.81 -34.53 -1.30
CA VAL D 171 -0.22 -34.56 -2.34
C VAL D 171 -0.85 -33.19 -2.56
N TYR D 172 -0.97 -32.41 -1.50
CA TYR D 172 -1.56 -31.08 -1.62
C TYR D 172 -0.68 -30.16 -2.45
N VAL D 173 0.52 -30.61 -2.80
CA VAL D 173 1.46 -29.82 -3.57
C VAL D 173 1.62 -30.34 -4.99
N LYS D 174 1.91 -31.63 -5.11
CA LYS D 174 2.10 -32.25 -6.42
C LYS D 174 0.83 -32.10 -7.23
N SER D 175 -0.31 -32.28 -6.58
CA SER D 175 -1.59 -32.16 -7.26
C SER D 175 -1.70 -30.78 -7.93
N ILE D 176 -1.25 -29.74 -7.23
CA ILE D 176 -1.31 -28.39 -7.77
C ILE D 176 -0.25 -28.15 -8.83
N LEU D 177 0.84 -28.91 -8.76
CA LEU D 177 1.95 -28.77 -9.70
C LEU D 177 1.58 -29.24 -11.09
N ASP D 178 0.58 -30.12 -11.17
CA ASP D 178 0.11 -30.64 -12.46
C ASP D 178 -1.08 -29.82 -12.94
N GLY D 179 -1.89 -29.37 -11.98
CA GLY D 179 -3.07 -28.57 -12.28
C GLY D 179 -4.34 -29.23 -11.78
N ASP D 180 -4.22 -30.01 -10.71
CA ASP D 180 -5.37 -30.70 -10.15
C ASP D 180 -5.55 -30.42 -8.66
N SER D 181 -6.70 -30.84 -8.15
CA SER D 181 -7.02 -30.75 -6.74
C SER D 181 -6.44 -32.06 -6.13
N VAL D 182 -6.88 -32.43 -4.94
CA VAL D 182 -6.40 -33.66 -4.30
C VAL D 182 -7.42 -34.76 -4.55
N PHE D 183 -8.51 -34.43 -5.22
CA PHE D 183 -9.55 -35.40 -5.56
C PHE D 183 -9.18 -36.12 -6.85
N GLU D 184 -8.10 -35.68 -7.49
CA GLU D 184 -7.61 -36.33 -8.70
C GLU D 184 -6.37 -37.16 -8.34
N SER D 185 -6.38 -37.73 -7.14
CA SER D 185 -5.27 -38.53 -6.66
C SER D 185 -5.75 -39.78 -5.93
N SER D 186 -4.94 -40.84 -5.98
CA SER D 186 -5.27 -42.08 -5.30
C SER D 186 -5.26 -41.84 -3.80
N ASP D 187 -4.41 -40.92 -3.35
CA ASP D 187 -4.29 -40.54 -1.95
C ASP D 187 -5.68 -40.27 -1.35
N GLY D 188 -6.09 -41.12 -0.40
CA GLY D 188 -7.39 -41.00 0.24
C GLY D 188 -7.30 -40.40 1.64
N ALA D 189 -6.08 -40.19 2.12
CA ALA D 189 -5.87 -39.60 3.45
C ALA D 189 -6.27 -38.13 3.41
N ALA D 190 -5.98 -37.47 2.29
CA ALA D 190 -6.30 -36.06 2.13
C ALA D 190 -7.75 -35.84 1.77
N LYS D 191 -8.24 -36.59 0.78
CA LYS D 191 -9.63 -36.48 0.36
C LYS D 191 -10.56 -36.63 1.56
N GLY D 192 -10.14 -37.46 2.51
CA GLY D 192 -10.92 -37.67 3.71
C GLY D 192 -11.15 -36.37 4.47
N GLU D 193 -10.12 -35.89 5.15
CA GLU D 193 -10.22 -34.66 5.93
C GLU D 193 -11.04 -33.55 5.28
N ILE D 194 -10.75 -33.28 4.00
CA ILE D 194 -11.46 -32.23 3.29
C ILE D 194 -12.94 -32.54 3.14
N GLU D 195 -13.28 -33.78 2.82
CA GLU D 195 -14.68 -34.16 2.68
C GLU D 195 -15.43 -34.00 3.99
N ILE D 196 -14.70 -34.04 5.10
CA ILE D 196 -15.30 -33.90 6.43
C ILE D 196 -15.28 -32.43 6.85
N LEU D 197 -14.26 -31.71 6.39
CA LEU D 197 -14.11 -30.29 6.68
C LEU D 197 -15.17 -29.53 5.92
N THR D 198 -15.35 -29.91 4.65
CA THR D 198 -16.35 -29.27 3.79
C THR D 198 -17.73 -29.46 4.42
N LYS D 199 -18.04 -30.69 4.81
CA LYS D 199 -19.31 -30.98 5.46
C LYS D 199 -19.58 -29.97 6.57
N GLU D 200 -18.57 -29.73 7.41
CA GLU D 200 -18.69 -28.76 8.48
C GLU D 200 -19.17 -27.42 7.93
N ILE D 201 -18.46 -26.91 6.92
CA ILE D 201 -18.76 -25.62 6.32
C ILE D 201 -20.22 -25.45 5.95
N VAL D 202 -20.85 -26.54 5.50
CA VAL D 202 -22.26 -26.50 5.09
C VAL D 202 -23.20 -26.49 6.31
N ARG D 203 -22.79 -27.19 7.37
CA ARG D 203 -23.58 -27.21 8.60
C ARG D 203 -23.82 -25.80 9.16
N ILE D 204 -22.89 -24.88 8.92
CA ILE D 204 -23.02 -23.51 9.40
C ILE D 204 -24.22 -22.83 8.74
N PHE D 205 -24.57 -23.30 7.55
CA PHE D 205 -25.67 -22.74 6.78
C PHE D 205 -26.99 -23.49 6.99
N GLU D 206 -26.92 -24.68 7.57
CA GLU D 206 -28.13 -25.47 7.83
C GLU D 206 -28.88 -24.93 9.04
N ALA D 207 -28.15 -24.62 10.09
CA ALA D 207 -28.75 -24.12 11.32
C ALA D 207 -29.77 -23.01 11.06
N THR D 208 -29.66 -22.37 9.89
CA THR D 208 -30.51 -21.24 9.58
C THR D 208 -31.52 -21.39 8.44
N HIS D 209 -31.23 -22.25 7.47
CA HIS D 209 -32.16 -22.51 6.33
C HIS D 209 -33.60 -22.01 6.55
N LYS E 7 -14.83 19.50 -25.48
CA LYS E 7 -14.83 18.20 -24.76
C LYS E 7 -14.88 18.36 -23.22
N LYS E 8 -15.21 19.56 -22.76
CA LYS E 8 -15.27 19.86 -21.33
C LYS E 8 -16.35 19.14 -20.53
N MET E 9 -17.59 19.22 -21.01
CA MET E 9 -18.74 18.57 -20.37
C MET E 9 -18.67 17.05 -20.46
N THR E 10 -18.26 16.55 -21.62
CA THR E 10 -18.14 15.13 -21.82
C THR E 10 -17.27 14.54 -20.68
N PHE E 11 -16.42 15.36 -20.08
CA PHE E 11 -15.57 14.92 -18.97
C PHE E 11 -16.47 14.50 -17.77
N GLY E 12 -17.69 15.05 -17.70
CA GLY E 12 -18.60 14.71 -16.60
C GLY E 12 -19.58 13.58 -16.83
N GLU E 13 -19.73 13.12 -18.06
CA GLU E 13 -20.64 12.00 -18.36
C GLU E 13 -20.13 10.70 -17.75
N ASN E 14 -18.84 10.46 -17.91
CA ASN E 14 -18.27 9.22 -17.42
C ASN E 14 -18.19 9.01 -15.88
N ARG E 15 -17.88 10.08 -15.12
CA ARG E 15 -17.69 10.04 -13.66
C ARG E 15 -18.82 9.33 -12.88
N MET F 9 3.96 -28.60 -15.14
CA MET F 9 5.42 -28.48 -15.41
C MET F 9 5.69 -27.38 -16.44
N THR F 10 5.00 -27.49 -17.59
CA THR F 10 5.12 -26.53 -18.70
C THR F 10 5.07 -25.06 -18.23
N PHE F 11 4.18 -24.78 -17.26
CA PHE F 11 4.01 -23.44 -16.67
C PHE F 11 5.05 -23.24 -15.56
N GLY F 12 5.52 -24.34 -14.96
CA GLY F 12 6.53 -24.26 -13.91
C GLY F 12 7.82 -23.69 -14.46
N GLU F 13 8.24 -24.15 -15.66
CA GLU F 13 9.46 -23.66 -16.31
C GLU F 13 9.22 -22.16 -16.47
N ASN F 14 8.05 -21.80 -17.00
CA ASN F 14 7.67 -20.40 -17.26
C ASN F 14 7.88 -19.40 -16.12
N ARG F 15 7.36 -19.72 -14.93
CA ARG F 15 7.51 -18.86 -13.75
C ARG F 15 8.96 -18.41 -13.54
N THR G 4 17.53 -28.17 23.81
CA THR G 4 16.50 -27.24 23.22
C THR G 4 15.64 -26.65 24.34
N SER G 5 15.68 -25.33 24.60
CA SER G 5 14.85 -24.81 25.72
C SER G 5 14.45 -23.33 25.55
N VAL G 6 14.25 -22.71 26.73
CA VAL G 6 13.94 -21.29 26.92
C VAL G 6 12.58 -20.61 26.73
N LYS G 7 12.19 -20.21 25.50
CA LYS G 7 10.92 -19.41 25.36
C LYS G 7 9.63 -19.93 24.72
N LYS G 8 9.44 -21.22 24.67
CA LYS G 8 8.30 -21.88 24.01
C LYS G 8 6.82 -21.42 24.21
N MET G 9 6.53 -20.70 25.27
CA MET G 9 5.16 -20.24 25.57
C MET G 9 4.92 -18.75 25.34
N THR G 10 5.93 -17.96 25.67
CA THR G 10 5.87 -16.50 25.54
C THR G 10 5.40 -16.00 24.15
N PHE G 11 5.60 -16.83 23.10
CA PHE G 11 5.17 -16.47 21.72
C PHE G 11 3.70 -16.80 21.56
N GLY G 12 3.34 -18.03 21.91
CA GLY G 12 1.95 -18.42 21.83
C GLY G 12 1.19 -17.40 22.65
N GLU G 13 1.60 -17.23 23.91
CA GLU G 13 0.98 -16.27 24.81
C GLU G 13 0.70 -14.93 24.14
N ASN G 14 1.64 -14.44 23.33
CA ASN G 14 1.42 -13.17 22.66
C ASN G 14 0.74 -13.27 21.30
N ARG G 15 0.95 -14.37 20.60
CA ARG G 15 0.27 -14.50 19.33
C ARG G 15 -1.22 -14.43 19.69
N ASP G 16 -1.54 -14.86 20.92
CA ASP G 16 -2.90 -14.82 21.45
C ASP G 16 -3.35 -13.36 21.67
N LEU G 17 -2.47 -12.54 22.23
CA LEU G 17 -2.75 -11.13 22.51
C LEU G 17 -3.01 -10.30 21.26
N GLU G 18 -2.20 -10.53 20.23
CA GLU G 18 -2.35 -9.80 18.97
C GLU G 18 -3.76 -9.95 18.37
N SER H 5 3.94 32.05 10.45
CA SER H 5 4.99 32.92 11.06
C SER H 5 5.85 32.03 11.95
N VAL H 6 5.32 31.63 13.11
CA VAL H 6 6.05 30.76 14.01
C VAL H 6 5.73 29.29 13.66
N LYS H 7 4.52 29.02 13.15
CA LYS H 7 4.16 27.64 12.78
C LYS H 7 5.05 27.35 11.59
N LYS H 8 5.31 28.41 10.83
CA LYS H 8 6.20 28.29 9.71
C LYS H 8 7.50 27.78 10.35
N MET H 9 7.80 28.31 11.53
CA MET H 9 9.01 27.96 12.27
C MET H 9 9.06 26.50 12.63
N THR H 10 7.93 25.98 13.08
CA THR H 10 7.91 24.58 13.40
C THR H 10 8.30 23.81 12.09
N PHE H 11 8.38 24.50 10.93
CA PHE H 11 8.73 23.86 9.62
C PHE H 11 10.21 23.43 9.43
N GLY H 12 11.18 24.24 9.92
CA GLY H 12 12.60 23.92 9.77
C GLY H 12 13.02 22.71 10.56
N GLU H 13 13.21 22.90 11.86
CA GLU H 13 13.58 21.79 12.73
C GLU H 13 12.62 20.48 12.61
N ASN H 14 11.32 20.62 12.31
CA ASN H 14 10.23 19.56 12.21
C ASN H 14 10.32 18.30 11.32
#